data_2Y7F
#
_entry.id   2Y7F
#
_cell.length_a   98.500
_cell.length_b   98.480
_cell.length_c   103.180
_cell.angle_alpha   90.00
_cell.angle_beta   90.00
_cell.angle_gamma   90.00
#
_symmetry.space_group_name_H-M   'P 21 21 21'
#
loop_
_entity.id
_entity.type
_entity.pdbx_description
1 polymer '3-KETO-5-AMINOHEXANOATE CLEAVAGE ENZYME'
2 non-polymer 'ZINC ION'
3 non-polymer '(5S)-5-AMINO-3-OXO-HEXANOIC ACID'
4 non-polymer 'MAGNESIUM ION'
5 water water
#
_entity_poly.entity_id   1
_entity_poly.type   'polypeptide(L)'
_entity_poly.pdbx_seq_one_letter_code
;MHHHHHHEPLILTAAITGAETTRADQPNLPITPEEQAKEAKACFEAGARVIHLHIREDDGRPSQRLDRFQEAISAIREVV
PEIIIQISTGGAVGESFDKRLAPLALKPEMATLNAGTLNFGDDIFINHPADIIRLAEAFKQYNVVPEVEVYESGMVDAVA
RLIKKGIITQNPLHIQFVLGVPGGMSGKPKNLMYMMEHLKEEIPTATWAVAGIGRWHIPTSLIAMVTGGHIRCGFEDNIF
YHKGVIAESNAQLVARLARIAKEIGRPLATPEQAREILALNK
;
_entity_poly.pdbx_strand_id   A,B,C,D
#
# COMPACT_ATOMS: atom_id res chain seq x y z
N HIS A 5 -8.17 -9.54 12.25
CA HIS A 5 -8.98 -10.72 12.55
C HIS A 5 -10.27 -10.27 13.25
N HIS A 6 -11.45 -10.59 12.66
CA HIS A 6 -12.78 -10.20 13.17
C HIS A 6 -13.40 -11.20 14.17
N HIS A 7 -12.59 -11.73 15.09
CA HIS A 7 -13.02 -12.64 16.16
C HIS A 7 -12.35 -12.23 17.49
N GLU A 8 -11.32 -11.35 17.41
CA GLU A 8 -10.62 -10.78 18.58
C GLU A 8 -11.60 -9.78 19.25
N PRO A 9 -11.68 -9.64 20.60
CA PRO A 9 -12.72 -8.76 21.16
C PRO A 9 -12.58 -7.29 20.74
N LEU A 10 -13.72 -6.63 20.49
CA LEU A 10 -13.75 -5.25 20.06
C LEU A 10 -14.01 -4.31 21.24
N ILE A 11 -13.14 -3.30 21.40
CA ILE A 11 -13.29 -2.26 22.40
C ILE A 11 -13.85 -1.02 21.70
N LEU A 12 -15.00 -0.57 22.19
CA LEU A 12 -15.62 0.65 21.68
C LEU A 12 -15.41 1.77 22.69
N THR A 13 -14.92 2.91 22.22
CA THR A 13 -14.72 4.11 23.03
C THR A 13 -15.76 5.14 22.62
N ALA A 14 -16.42 5.78 23.60
CA ALA A 14 -17.36 6.87 23.31
C ALA A 14 -16.74 8.18 23.74
N ALA A 15 -16.47 9.06 22.76
CA ALA A 15 -15.92 10.42 22.96
C ALA A 15 -17.15 11.33 22.98
N ILE A 16 -17.76 11.43 24.15
CA ILE A 16 -19.10 11.96 24.31
C ILE A 16 -19.27 13.47 24.22
N THR A 17 -18.22 14.28 24.52
CA THR A 17 -18.43 15.72 24.61
C THR A 17 -17.42 16.52 23.79
N GLY A 18 -16.14 16.26 24.01
CA GLY A 18 -15.07 17.00 23.31
C GLY A 18 -14.98 18.45 23.72
N ALA A 19 -14.16 19.21 23.00
CA ALA A 19 -13.97 20.64 23.31
C ALA A 19 -14.52 21.55 22.21
N GLU A 20 -14.84 21.00 21.02
CA GLU A 20 -15.26 21.84 19.90
C GLU A 20 -16.76 21.81 19.65
N THR A 21 -17.37 20.62 19.71
CA THR A 21 -18.79 20.45 19.38
C THR A 21 -19.68 21.38 20.22
N THR A 22 -20.71 21.99 19.57
CA THR A 22 -21.67 22.85 20.27
C THR A 22 -23.06 22.30 20.17
N ARG A 23 -23.99 22.82 21.01
CA ARG A 23 -25.41 22.46 20.91
C ARG A 23 -26.06 23.18 19.73
N ALA A 24 -25.36 24.16 19.09
CA ALA A 24 -25.91 24.83 17.91
C ALA A 24 -26.05 23.79 16.82
N ASP A 25 -25.06 22.88 16.76
CA ASP A 25 -24.97 21.80 15.77
C ASP A 25 -25.54 20.47 16.27
N GLN A 26 -25.26 20.12 17.52
CA GLN A 26 -25.68 18.84 18.12
C GLN A 26 -26.37 19.14 19.45
N PRO A 27 -27.71 19.37 19.45
CA PRO A 27 -28.42 19.75 20.70
C PRO A 27 -28.41 18.69 21.80
N ASN A 28 -28.12 17.43 21.45
CA ASN A 28 -28.05 16.33 22.42
C ASN A 28 -26.69 16.21 23.10
N LEU A 29 -25.78 17.15 22.84
CA LEU A 29 -24.45 17.13 23.45
C LEU A 29 -24.52 17.15 25.01
N PRO A 30 -23.97 16.11 25.69
CA PRO A 30 -23.94 16.16 27.18
C PRO A 30 -22.87 17.15 27.64
N ILE A 31 -23.24 18.09 28.52
CA ILE A 31 -22.34 19.16 28.98
C ILE A 31 -22.04 19.05 30.48
N THR A 32 -23.09 18.80 31.29
CA THR A 32 -22.91 18.72 32.74
C THR A 32 -22.49 17.31 33.16
N PRO A 33 -21.86 17.16 34.36
CA PRO A 33 -21.53 15.81 34.84
C PRO A 33 -22.73 14.84 34.84
N GLU A 34 -23.93 15.32 35.23
CA GLU A 34 -25.16 14.52 35.27
C GLU A 34 -25.55 14.05 33.85
N GLU A 35 -25.47 14.94 32.86
CA GLU A 35 -25.76 14.60 31.45
C GLU A 35 -24.73 13.61 30.92
N GLN A 36 -23.46 13.80 31.31
CA GLN A 36 -22.38 12.93 30.87
C GLN A 36 -22.54 11.54 31.47
N ALA A 37 -22.98 11.47 32.74
CA ALA A 37 -23.23 10.18 33.41
C ALA A 37 -24.38 9.44 32.72
N LYS A 38 -25.50 10.14 32.41
CA LYS A 38 -26.65 9.51 31.73
C LYS A 38 -26.24 8.95 30.36
N GLU A 39 -25.45 9.74 29.63
CA GLU A 39 -24.93 9.33 28.32
C GLU A 39 -24.00 8.12 28.47
N ALA A 40 -23.08 8.15 29.47
CA ALA A 40 -22.11 7.06 29.69
C ALA A 40 -22.84 5.76 30.00
N LYS A 41 -23.94 5.82 30.78
CA LYS A 41 -24.74 4.61 31.09
C LYS A 41 -25.31 4.03 29.80
N ALA A 42 -25.95 4.87 28.98
CA ALA A 42 -26.56 4.41 27.72
C ALA A 42 -25.48 3.87 26.77
N CYS A 43 -24.29 4.51 26.74
CA CYS A 43 -23.19 4.04 25.90
C CYS A 43 -22.67 2.68 26.37
N PHE A 44 -22.50 2.51 27.70
CA PHE A 44 -22.02 1.24 28.26
C PHE A 44 -23.00 0.13 27.92
N GLU A 45 -24.32 0.38 28.08
CA GLU A 45 -25.33 -0.62 27.77
C GLU A 45 -25.33 -0.98 26.27
N ALA A 46 -24.99 -0.01 25.41
CA ALA A 46 -24.91 -0.17 23.96
C ALA A 46 -23.62 -0.89 23.53
N GLY A 47 -22.66 -1.03 24.43
CA GLY A 47 -21.41 -1.74 24.14
C GLY A 47 -20.10 -1.03 24.37
N ALA A 48 -20.12 0.27 24.75
CA ALA A 48 -18.88 1.01 24.98
C ALA A 48 -18.20 0.54 26.27
N ARG A 49 -16.86 0.43 26.24
CA ARG A 49 -16.11 0.00 27.42
C ARG A 49 -15.20 1.09 27.93
N VAL A 50 -15.05 2.17 27.15
CA VAL A 50 -14.23 3.32 27.50
C VAL A 50 -15.01 4.60 27.22
N ILE A 51 -14.92 5.60 28.13
CA ILE A 51 -15.43 6.94 27.90
C ILE A 51 -14.21 7.84 27.74
N HIS A 52 -14.12 8.54 26.61
CA HIS A 52 -13.05 9.54 26.38
C HIS A 52 -13.66 10.84 26.86
N LEU A 53 -13.11 11.37 27.96
CA LEU A 53 -13.74 12.48 28.64
C LEU A 53 -13.05 13.84 28.54
N HIS A 54 -13.83 14.83 28.05
CA HIS A 54 -13.59 16.27 28.17
C HIS A 54 -14.69 16.77 29.07
N ILE A 55 -14.44 17.84 29.82
CA ILE A 55 -15.46 18.43 30.67
C ILE A 55 -15.76 19.82 30.18
N ARG A 56 -16.96 20.31 30.54
CA ARG A 56 -17.40 21.66 30.21
C ARG A 56 -17.95 22.31 31.44
N GLU A 57 -17.95 23.64 31.45
CA GLU A 57 -18.65 24.40 32.47
C GLU A 57 -20.14 24.31 32.11
N ASP A 58 -21.03 24.73 33.03
CA ASP A 58 -22.49 24.69 32.80
C ASP A 58 -22.91 25.48 31.56
N ASP A 59 -22.15 26.53 31.19
CA ASP A 59 -22.42 27.36 30.02
C ASP A 59 -21.91 26.73 28.71
N GLY A 60 -21.26 25.55 28.78
CA GLY A 60 -20.78 24.87 27.60
C GLY A 60 -19.33 25.15 27.24
N ARG A 61 -18.69 26.08 27.98
CA ARG A 61 -17.27 26.39 27.68
C ARG A 61 -16.37 25.22 28.09
N PRO A 62 -15.32 24.90 27.30
CA PRO A 62 -14.38 23.83 27.71
C PRO A 62 -13.75 24.16 29.06
N SER A 63 -13.48 23.13 29.86
CA SER A 63 -12.90 23.33 31.18
C SER A 63 -11.73 22.42 31.45
N GLN A 64 -10.82 22.85 32.33
CA GLN A 64 -9.67 22.05 32.79
C GLN A 64 -9.67 21.95 34.31
N ARG A 65 -10.72 22.46 34.98
CA ARG A 65 -10.83 22.48 36.43
C ARG A 65 -10.81 21.07 37.01
N LEU A 66 -9.90 20.82 37.99
CA LEU A 66 -9.80 19.51 38.59
C LEU A 66 -11.06 19.11 39.38
N ASP A 67 -11.69 20.06 40.07
CA ASP A 67 -12.91 19.73 40.82
C ASP A 67 -14.05 19.39 39.85
N ARG A 68 -14.09 20.01 38.64
CA ARG A 68 -15.11 19.69 37.63
C ARG A 68 -14.84 18.32 37.02
N PHE A 69 -13.54 17.97 36.80
CA PHE A 69 -13.20 16.64 36.31
C PHE A 69 -13.63 15.61 37.36
N GLN A 70 -13.37 15.90 38.65
CA GLN A 70 -13.76 14.96 39.73
C GLN A 70 -15.29 14.76 39.76
N GLU A 71 -16.06 15.86 39.56
CA GLU A 71 -17.52 15.81 39.55
CA GLU A 71 -17.52 15.81 39.55
C GLU A 71 -18.02 14.88 38.43
N ALA A 72 -17.44 15.03 37.21
CA ALA A 72 -17.83 14.22 36.05
C ALA A 72 -17.41 12.76 36.26
N ILE A 73 -16.16 12.54 36.72
CA ILE A 73 -15.65 11.20 36.95
C ILE A 73 -16.54 10.48 37.97
N SER A 74 -16.86 11.17 39.10
CA SER A 74 -17.72 10.59 40.14
C SER A 74 -19.09 10.25 39.58
N ALA A 75 -19.72 11.18 38.85
CA ALA A 75 -21.07 10.93 38.33
C ALA A 75 -21.09 9.71 37.39
N ILE A 76 -20.09 9.59 36.51
CA ILE A 76 -19.99 8.46 35.59
C ILE A 76 -19.74 7.17 36.36
N ARG A 77 -18.77 7.15 37.30
CA ARG A 77 -18.46 5.89 37.98
C ARG A 77 -19.59 5.47 38.92
N GLU A 78 -20.44 6.41 39.36
CA GLU A 78 -21.56 6.05 40.22
C GLU A 78 -22.64 5.35 39.42
N VAL A 79 -22.73 5.65 38.11
CA VAL A 79 -23.76 5.03 37.27
C VAL A 79 -23.22 3.74 36.58
N VAL A 80 -21.93 3.73 36.18
CA VAL A 80 -21.34 2.56 35.53
C VAL A 80 -19.92 2.38 36.10
N PRO A 81 -19.81 1.79 37.30
CA PRO A 81 -18.47 1.62 37.91
C PRO A 81 -17.48 0.81 37.07
N GLU A 82 -17.96 -0.09 36.15
CA GLU A 82 -17.12 -0.95 35.27
C GLU A 82 -16.50 -0.21 34.09
N ILE A 83 -17.06 0.95 33.67
CA ILE A 83 -16.52 1.61 32.48
C ILE A 83 -15.11 2.18 32.76
N ILE A 84 -14.27 2.24 31.72
CA ILE A 84 -12.94 2.82 31.84
C ILE A 84 -13.09 4.31 31.54
N ILE A 85 -12.67 5.18 32.47
CA ILE A 85 -12.75 6.64 32.24
C ILE A 85 -11.37 7.12 31.80
N GLN A 86 -11.28 7.54 30.54
CA GLN A 86 -10.04 8.02 29.96
C GLN A 86 -10.09 9.54 29.85
N ILE A 87 -9.25 10.22 30.63
CA ILE A 87 -9.22 11.69 30.65
C ILE A 87 -8.49 12.25 29.41
N SER A 88 -9.00 13.31 28.79
CA SER A 88 -8.26 13.96 27.71
C SER A 88 -7.20 14.88 28.27
N THR A 89 -5.95 14.79 27.77
CA THR A 89 -4.91 15.80 28.09
C THR A 89 -4.77 16.75 26.88
N GLY A 90 -5.65 16.56 25.90
CA GLY A 90 -5.68 17.40 24.70
C GLY A 90 -6.40 18.71 24.98
N GLY A 91 -7.56 18.61 25.60
CA GLY A 91 -8.39 19.76 25.95
C GLY A 91 -8.74 20.59 24.73
N ALA A 92 -9.01 21.88 24.94
CA ALA A 92 -9.35 22.80 23.86
C ALA A 92 -8.08 23.33 23.20
N VAL A 93 -8.09 23.52 21.87
CA VAL A 93 -6.93 24.08 21.14
C VAL A 93 -6.57 25.42 21.78
N GLY A 94 -5.29 25.64 22.03
CA GLY A 94 -4.82 26.89 22.64
C GLY A 94 -4.72 26.85 24.15
N GLU A 95 -5.26 25.79 24.83
CA GLU A 95 -5.17 25.71 26.30
C GLU A 95 -3.69 25.58 26.75
N SER A 96 -3.35 26.12 27.93
CA SER A 96 -1.98 26.06 28.41
C SER A 96 -1.59 24.61 28.72
N PHE A 97 -0.33 24.25 28.46
CA PHE A 97 0.11 22.86 28.67
C PHE A 97 0.02 22.46 30.15
N ASP A 98 0.29 23.41 31.09
CA ASP A 98 0.19 23.13 32.53
CA ASP A 98 0.19 23.12 32.53
C ASP A 98 -1.23 22.68 32.89
N LYS A 99 -2.25 23.40 32.38
CA LYS A 99 -3.66 23.06 32.65
C LYS A 99 -4.04 21.73 32.01
N ARG A 100 -3.42 21.41 30.88
CA ARG A 100 -3.69 20.15 30.17
C ARG A 100 -3.10 18.94 30.91
N LEU A 101 -1.93 19.12 31.53
CA LEU A 101 -1.23 18.03 32.23
C LEU A 101 -1.79 17.77 33.63
N ALA A 102 -2.14 18.85 34.40
CA ALA A 102 -2.61 18.81 35.78
C ALA A 102 -3.68 17.71 36.08
N PRO A 103 -4.71 17.40 35.24
CA PRO A 103 -5.68 16.35 35.63
C PRO A 103 -5.07 14.95 35.75
N LEU A 104 -3.81 14.69 35.29
CA LEU A 104 -3.14 13.40 35.56
C LEU A 104 -3.06 13.20 37.07
N ALA A 105 -3.13 14.31 37.84
CA ALA A 105 -3.10 14.24 39.31
C ALA A 105 -4.34 13.54 39.91
N LEU A 106 -5.40 13.36 39.10
CA LEU A 106 -6.58 12.63 39.56
C LEU A 106 -6.37 11.13 39.47
N LYS A 107 -5.21 10.71 38.91
CA LYS A 107 -4.80 9.32 38.75
C LYS A 107 -5.92 8.49 38.08
N PRO A 108 -6.40 8.92 36.90
CA PRO A 108 -7.37 8.07 36.16
C PRO A 108 -6.68 6.79 35.72
N GLU A 109 -7.45 5.81 35.28
CA GLU A 109 -6.87 4.55 34.78
C GLU A 109 -6.08 4.79 33.51
N MET A 110 -6.56 5.73 32.71
CA MET A 110 -6.02 6.03 31.41
C MET A 110 -6.20 7.47 31.05
N ALA A 111 -5.31 8.01 30.21
CA ALA A 111 -5.43 9.38 29.72
C ALA A 111 -4.77 9.46 28.35
N THR A 112 -5.18 10.45 27.54
CA THR A 112 -4.59 10.55 26.19
C THR A 112 -3.25 11.29 26.28
N LEU A 113 -2.38 11.02 25.31
CA LEU A 113 -1.06 11.62 25.16
C LEU A 113 -0.91 11.98 23.69
N ASN A 114 -1.01 13.27 23.36
CA ASN A 114 -0.94 13.70 21.95
C ASN A 114 0.52 13.71 21.50
N ALA A 115 0.81 13.03 20.39
CA ALA A 115 2.19 12.75 19.93
C ALA A 115 2.81 13.77 18.95
N GLY A 116 2.17 14.90 18.71
CA GLY A 116 2.74 15.87 17.79
C GLY A 116 1.86 17.08 17.59
N THR A 117 2.42 18.08 16.91
CA THR A 117 1.73 19.34 16.58
C THR A 117 1.15 19.24 15.20
N LEU A 118 -0.01 19.88 14.98
CA LEU A 118 -0.57 19.96 13.64
C LEU A 118 -1.52 21.15 13.57
N ASN A 119 -1.60 21.74 12.36
CA ASN A 119 -2.62 22.73 12.07
C ASN A 119 -3.94 22.01 12.28
N PHE A 120 -4.89 22.69 12.91
CA PHE A 120 -6.15 22.08 13.32
C PHE A 120 -7.25 23.08 12.99
N GLY A 121 -7.91 22.87 11.86
CA GLY A 121 -8.88 23.85 11.37
C GLY A 121 -8.17 25.15 11.07
N ASP A 122 -8.65 26.26 11.64
CA ASP A 122 -8.06 27.60 11.44
C ASP A 122 -6.94 27.91 12.43
N ASP A 123 -6.64 26.98 13.34
CA ASP A 123 -5.66 27.21 14.39
C ASP A 123 -4.56 26.16 14.36
N ILE A 124 -3.76 26.07 15.43
CA ILE A 124 -2.71 25.05 15.55
C ILE A 124 -2.88 24.33 16.89
N PHE A 125 -2.90 23.00 16.86
CA PHE A 125 -2.94 22.20 18.08
C PHE A 125 -1.47 21.93 18.42
N ILE A 126 -0.95 22.64 19.44
CA ILE A 126 0.47 22.61 19.77
C ILE A 126 0.82 21.55 20.80
N ASN A 127 1.86 20.75 20.48
CA ASN A 127 2.42 19.76 21.38
C ASN A 127 3.92 19.83 21.20
N HIS A 128 4.55 20.85 21.82
CA HIS A 128 5.99 21.08 21.68
C HIS A 128 6.77 19.80 22.07
N PRO A 129 7.83 19.41 21.32
CA PRO A 129 8.59 18.19 21.70
C PRO A 129 8.97 18.10 23.20
N ALA A 130 9.38 19.22 23.84
CA ALA A 130 9.75 19.21 25.28
C ALA A 130 8.53 18.94 26.17
N ASP A 131 7.34 19.42 25.75
CA ASP A 131 6.10 19.21 26.51
C ASP A 131 5.60 17.77 26.34
N ILE A 132 5.80 17.17 25.14
CA ILE A 132 5.45 15.76 24.95
C ILE A 132 6.28 14.91 25.94
N ILE A 133 7.59 15.20 26.06
CA ILE A 133 8.47 14.48 27.00
C ILE A 133 7.98 14.73 28.43
N ARG A 134 7.69 15.99 28.82
CA ARG A 134 7.20 16.34 30.17
C ARG A 134 5.92 15.52 30.50
N LEU A 135 5.01 15.45 29.51
CA LEU A 135 3.76 14.72 29.69
C LEU A 135 4.02 13.22 29.82
N ALA A 136 4.90 12.65 28.94
CA ALA A 136 5.24 11.22 29.04
C ALA A 136 5.83 10.90 30.42
N GLU A 137 6.69 11.80 30.95
CA GLU A 137 7.31 11.60 32.26
C GLU A 137 6.25 11.66 33.36
N ALA A 138 5.24 12.54 33.18
CA ALA A 138 4.15 12.69 34.15
C ALA A 138 3.28 11.42 34.15
N PHE A 139 3.09 10.76 32.97
CA PHE A 139 2.36 9.48 32.95
C PHE A 139 3.03 8.48 33.88
N LYS A 140 4.37 8.44 33.88
CA LYS A 140 5.12 7.54 34.77
C LYS A 140 5.01 8.00 36.24
N GLN A 141 5.16 9.33 36.51
CA GLN A 141 5.10 9.87 37.90
C GLN A 141 3.75 9.59 38.55
N TYR A 142 2.65 9.86 37.82
CA TYR A 142 1.28 9.69 38.32
C TYR A 142 0.74 8.25 38.12
N ASN A 143 1.52 7.36 37.46
CA ASN A 143 1.20 5.93 37.26
C ASN A 143 -0.12 5.74 36.47
N VAL A 144 -0.19 6.43 35.34
CA VAL A 144 -1.37 6.41 34.45
C VAL A 144 -0.97 5.72 33.14
N VAL A 145 -1.86 4.89 32.57
CA VAL A 145 -1.57 4.26 31.27
C VAL A 145 -1.93 5.26 30.13
N PRO A 146 -1.02 5.53 29.17
CA PRO A 146 -1.39 6.46 28.09
C PRO A 146 -2.12 5.79 26.92
N GLU A 147 -2.99 6.54 26.24
CA GLU A 147 -3.49 6.29 24.90
C GLU A 147 -2.78 7.30 24.05
N VAL A 148 -1.88 6.86 23.15
CA VAL A 148 -1.10 7.81 22.36
C VAL A 148 -1.84 8.20 21.08
N GLU A 149 -2.14 9.51 20.95
CA GLU A 149 -2.92 10.03 19.80
C GLU A 149 -2.01 10.39 18.65
N VAL A 150 -2.27 9.79 17.48
CA VAL A 150 -1.45 10.00 16.29
C VAL A 150 -2.35 10.50 15.15
N TYR A 151 -1.94 11.61 14.51
CA TYR A 151 -2.74 12.28 13.46
C TYR A 151 -2.07 12.20 12.09
N GLU A 152 -0.82 11.74 12.05
CA GLU A 152 0.01 11.67 10.84
C GLU A 152 1.03 10.55 10.97
N SER A 153 1.56 10.09 9.83
CA SER A 153 2.59 9.04 9.80
C SER A 153 3.79 9.36 10.69
N GLY A 154 4.33 10.58 10.58
CA GLY A 154 5.51 11.01 11.31
C GLY A 154 5.39 10.94 12.82
N MET A 155 4.15 11.00 13.32
CA MET A 155 3.93 10.90 14.77
C MET A 155 4.19 9.49 15.26
N VAL A 156 3.98 8.47 14.42
CA VAL A 156 4.30 7.08 14.79
C VAL A 156 5.83 6.98 15.02
N ASP A 157 6.63 7.52 14.07
CA ASP A 157 8.10 7.52 14.17
C ASP A 157 8.54 8.25 15.43
N ALA A 158 7.91 9.41 15.73
CA ALA A 158 8.26 10.23 16.91
C ALA A 158 8.03 9.41 18.18
N VAL A 159 6.91 8.67 18.22
CA VAL A 159 6.59 7.79 19.37
C VAL A 159 7.62 6.65 19.45
N ALA A 160 7.98 6.04 18.30
CA ALA A 160 9.00 4.96 18.30
C ALA A 160 10.33 5.46 18.85
N ARG A 161 10.69 6.73 18.57
CA ARG A 161 11.94 7.30 19.11
C ARG A 161 11.82 7.52 20.62
N LEU A 162 10.65 7.95 21.11
CA LEU A 162 10.45 8.12 22.56
C LEU A 162 10.51 6.77 23.29
N ILE A 163 10.06 5.68 22.62
CA ILE A 163 10.17 4.32 23.18
C ILE A 163 11.64 3.93 23.26
N LYS A 164 12.39 4.14 22.17
CA LYS A 164 13.81 3.79 22.10
C LYS A 164 14.63 4.53 23.17
N LYS A 165 14.25 5.80 23.46
CA LYS A 165 14.94 6.64 24.44
C LYS A 165 14.50 6.31 25.88
N GLY A 166 13.54 5.41 26.02
CA GLY A 166 13.04 5.00 27.33
C GLY A 166 12.13 6.02 27.99
N ILE A 167 11.62 6.98 27.20
CA ILE A 167 10.72 8.05 27.68
C ILE A 167 9.29 7.46 27.76
N ILE A 168 8.91 6.63 26.79
CA ILE A 168 7.62 5.91 26.83
C ILE A 168 8.00 4.45 27.03
N THR A 169 7.69 3.88 28.20
CA THR A 169 8.08 2.49 28.48
C THR A 169 6.85 1.56 28.53
N GLN A 170 5.65 2.13 28.40
CA GLN A 170 4.39 1.36 28.40
C GLN A 170 4.47 0.27 27.36
N ASN A 171 4.24 -0.97 27.78
CA ASN A 171 4.28 -2.14 26.91
C ASN A 171 3.23 -3.15 27.37
N PRO A 172 2.22 -3.50 26.51
CA PRO A 172 1.98 -2.99 25.15
C PRO A 172 1.50 -1.55 25.18
N LEU A 173 1.76 -0.82 24.12
CA LEU A 173 1.34 0.57 24.01
C LEU A 173 0.11 0.66 23.13
N HIS A 174 -0.86 1.46 23.55
CA HIS A 174 -2.10 1.64 22.78
C HIS A 174 -2.05 2.94 22.01
N ILE A 175 -2.17 2.84 20.70
CA ILE A 175 -2.13 3.96 19.77
C ILE A 175 -3.51 4.21 19.22
N GLN A 176 -3.90 5.47 19.15
CA GLN A 176 -5.16 5.75 18.48
CA GLN A 176 -5.18 5.84 18.56
C GLN A 176 -4.90 6.63 17.28
N PHE A 177 -5.34 6.16 16.11
CA PHE A 177 -5.19 6.93 14.88
C PHE A 177 -6.36 7.90 14.86
N VAL A 178 -6.08 9.21 14.89
CA VAL A 178 -7.16 10.18 14.80
C VAL A 178 -7.15 10.73 13.37
N LEU A 179 -8.11 10.28 12.56
CA LEU A 179 -8.11 10.60 11.12
C LEU A 179 -9.30 11.43 10.71
N GLY A 180 -9.05 12.42 9.85
CA GLY A 180 -10.11 13.30 9.36
C GLY A 180 -10.10 14.70 9.93
N VAL A 181 -9.09 15.03 10.77
CA VAL A 181 -8.97 16.41 11.25
C VAL A 181 -8.56 17.32 10.07
N PRO A 182 -9.17 18.52 9.85
CA PRO A 182 -8.66 19.39 8.77
C PRO A 182 -7.27 19.91 9.18
N GLY A 183 -6.25 19.39 8.52
CA GLY A 183 -4.84 19.63 8.87
C GLY A 183 -4.12 18.32 9.15
N GLY A 184 -4.87 17.26 9.43
CA GLY A 184 -4.29 15.95 9.70
C GLY A 184 -4.58 14.95 8.60
N MET A 185 -4.07 13.73 8.76
CA MET A 185 -4.32 12.66 7.77
C MET A 185 -5.82 12.33 7.72
N SER A 186 -6.39 12.14 6.50
CA SER A 186 -7.81 11.82 6.36
C SER A 186 -8.08 10.36 6.74
N GLY A 187 -9.36 10.03 6.89
CA GLY A 187 -9.79 8.67 7.22
C GLY A 187 -10.12 7.81 6.02
N LYS A 188 -9.61 8.14 4.83
CA LYS A 188 -9.90 7.29 3.65
C LYS A 188 -9.31 5.89 3.86
N PRO A 189 -9.98 4.86 3.33
CA PRO A 189 -9.49 3.48 3.54
C PRO A 189 -7.99 3.27 3.28
N LYS A 190 -7.45 3.84 2.19
CA LYS A 190 -6.02 3.72 1.87
C LYS A 190 -5.15 4.16 3.09
N ASN A 191 -5.56 5.26 3.75
CA ASN A 191 -4.81 5.83 4.87
C ASN A 191 -4.86 4.95 6.10
N LEU A 192 -6.05 4.38 6.43
CA LEU A 192 -6.11 3.52 7.62
C LEU A 192 -5.31 2.24 7.41
N MET A 193 -5.36 1.68 6.20
CA MET A 193 -4.59 0.50 5.87
C MET A 193 -3.09 0.82 5.95
N TYR A 194 -2.68 1.98 5.41
CA TYR A 194 -1.29 2.40 5.49
C TYR A 194 -0.87 2.53 6.97
N MET A 195 -1.69 3.21 7.79
CA MET A 195 -1.32 3.48 9.19
C MET A 195 -1.16 2.21 10.01
N MET A 196 -2.08 1.23 9.88
CA MET A 196 -1.95 0.01 10.69
C MET A 196 -0.68 -0.75 10.28
N GLU A 197 -0.35 -0.74 8.98
CA GLU A 197 0.85 -1.44 8.49
C GLU A 197 2.11 -0.71 8.93
N HIS A 198 2.12 0.62 8.84
CA HIS A 198 3.21 1.48 9.27
C HIS A 198 3.47 1.26 10.78
N LEU A 199 2.40 1.22 11.58
CA LEU A 199 2.51 0.99 13.02
C LEU A 199 3.10 -0.40 13.30
N LYS A 200 2.64 -1.42 12.57
CA LYS A 200 3.15 -2.80 12.74
C LYS A 200 4.65 -2.84 12.44
N GLU A 201 5.11 -2.07 11.45
CA GLU A 201 6.53 -2.02 11.11
C GLU A 201 7.37 -1.29 12.19
N GLU A 202 6.86 -0.16 12.72
CA GLU A 202 7.64 0.70 13.63
C GLU A 202 7.48 0.35 15.11
N ILE A 203 6.30 -0.12 15.53
CA ILE A 203 6.01 -0.47 16.95
C ILE A 203 5.21 -1.79 16.89
N PRO A 204 5.91 -2.91 16.64
CA PRO A 204 5.21 -4.19 16.37
C PRO A 204 4.25 -4.71 17.43
N THR A 205 4.51 -4.41 18.70
CA THR A 205 3.64 -4.92 19.77
C THR A 205 2.52 -3.93 20.13
N ALA A 206 2.46 -2.74 19.50
CA ALA A 206 1.40 -1.78 19.83
C ALA A 206 0.03 -2.30 19.42
N THR A 207 -1.01 -1.97 20.21
CA THR A 207 -2.40 -2.21 19.85
C THR A 207 -2.91 -0.90 19.26
N TRP A 208 -4.04 -0.91 18.56
CA TRP A 208 -4.51 0.34 17.98
C TRP A 208 -6.00 0.45 17.91
N ALA A 209 -6.45 1.70 17.85
CA ALA A 209 -7.84 2.08 17.68
C ALA A 209 -7.88 3.18 16.63
N VAL A 210 -9.06 3.45 16.09
CA VAL A 210 -9.21 4.54 15.12
C VAL A 210 -10.42 5.39 15.47
N ALA A 211 -10.25 6.71 15.31
CA ALA A 211 -11.32 7.69 15.43
C ALA A 211 -11.42 8.36 14.05
N GLY A 212 -12.55 8.19 13.39
CA GLY A 212 -12.78 8.78 12.08
C GLY A 212 -13.64 10.01 12.24
N ILE A 213 -13.05 11.18 12.06
CA ILE A 213 -13.76 12.45 12.24
C ILE A 213 -14.78 12.64 11.10
N GLY A 214 -15.96 13.14 11.46
CA GLY A 214 -17.01 13.46 10.50
C GLY A 214 -17.33 12.35 9.52
N ARG A 215 -17.25 12.66 8.21
CA ARG A 215 -17.54 11.75 7.10
C ARG A 215 -16.69 10.45 7.15
N TRP A 216 -15.58 10.46 7.88
CA TRP A 216 -14.69 9.30 7.93
C TRP A 216 -15.07 8.28 8.98
N HIS A 217 -16.12 8.58 9.79
CA HIS A 217 -16.51 7.64 10.85
C HIS A 217 -16.84 6.23 10.31
N ILE A 218 -17.71 6.13 9.28
CA ILE A 218 -18.11 4.82 8.75
C ILE A 218 -16.93 4.09 8.06
N PRO A 219 -16.17 4.70 7.11
CA PRO A 219 -15.07 3.94 6.49
C PRO A 219 -14.03 3.45 7.49
N THR A 220 -13.64 4.29 8.47
CA THR A 220 -12.63 3.84 9.45
C THR A 220 -13.19 2.74 10.33
N SER A 221 -14.45 2.85 10.76
CA SER A 221 -15.05 1.85 11.64
C SER A 221 -15.13 0.46 10.99
N LEU A 222 -15.59 0.40 9.74
CA LEU A 222 -15.77 -0.90 9.07
C LEU A 222 -14.44 -1.55 8.73
N ILE A 223 -13.41 -0.74 8.41
CA ILE A 223 -12.07 -1.32 8.16
C ILE A 223 -11.50 -1.84 9.48
N ALA A 224 -11.60 -1.05 10.57
CA ALA A 224 -11.09 -1.49 11.88
C ALA A 224 -11.79 -2.78 12.33
N MET A 225 -13.10 -2.91 12.04
CA MET A 225 -13.88 -4.10 12.41
C MET A 225 -13.23 -5.39 11.96
N VAL A 226 -12.69 -5.40 10.72
CA VAL A 226 -12.18 -6.62 10.09
C VAL A 226 -10.66 -6.72 10.07
N THR A 227 -9.98 -5.77 10.72
CA THR A 227 -8.51 -5.80 10.77
C THR A 227 -8.01 -5.93 12.22
N GLY A 228 -8.91 -6.20 13.15
CA GLY A 228 -8.55 -6.37 14.56
C GLY A 228 -8.40 -5.08 15.35
N GLY A 229 -8.64 -3.94 14.72
CA GLY A 229 -8.53 -2.66 15.38
C GLY A 229 -9.71 -2.37 16.30
N HIS A 230 -9.54 -1.39 17.19
CA HIS A 230 -10.59 -0.94 18.10
C HIS A 230 -11.15 0.37 17.56
N ILE A 231 -12.34 0.78 18.04
CA ILE A 231 -13.00 1.93 17.42
C ILE A 231 -13.48 2.94 18.44
N ARG A 232 -13.27 4.22 18.13
CA ARG A 232 -13.80 5.34 18.88
C ARG A 232 -14.91 6.00 18.05
N CYS A 233 -16.00 6.38 18.71
CA CYS A 233 -17.09 7.11 18.06
C CYS A 233 -17.57 8.16 19.05
N GLY A 234 -18.47 9.02 18.61
CA GLY A 234 -19.03 10.01 19.52
C GLY A 234 -19.08 11.41 18.98
N PHE A 235 -19.89 12.24 19.65
CA PHE A 235 -20.16 13.63 19.27
C PHE A 235 -18.93 14.52 19.23
N GLU A 236 -17.88 14.17 19.98
CA GLU A 236 -16.62 14.92 19.90
C GLU A 236 -16.08 14.89 18.46
N ASP A 237 -16.21 13.74 17.80
CA ASP A 237 -15.66 13.45 16.47
C ASP A 237 -16.65 13.55 15.33
N ASN A 238 -17.91 13.17 15.59
CA ASN A 238 -18.91 13.17 14.53
C ASN A 238 -20.28 13.27 15.11
N ILE A 239 -21.08 14.17 14.59
CA ILE A 239 -22.41 14.37 15.17
C ILE A 239 -23.52 13.75 14.32
N PHE A 240 -23.19 13.22 13.10
CA PHE A 240 -24.23 12.69 12.22
C PHE A 240 -24.33 11.20 12.24
N TYR A 241 -25.57 10.71 12.21
CA TYR A 241 -25.82 9.29 12.11
C TYR A 241 -25.75 8.91 10.63
N HIS A 242 -26.44 9.70 9.78
CA HIS A 242 -26.42 9.60 8.32
C HIS A 242 -26.17 11.01 7.79
N LYS A 243 -25.82 11.15 6.50
CA LYS A 243 -25.60 12.47 5.88
C LYS A 243 -26.81 13.37 6.15
N GLY A 244 -26.56 14.51 6.79
CA GLY A 244 -27.63 15.47 7.11
C GLY A 244 -28.62 15.05 8.19
N VAL A 245 -28.36 13.89 8.87
CA VAL A 245 -29.24 13.36 9.92
C VAL A 245 -28.44 13.29 11.21
N ILE A 246 -28.69 14.22 12.14
CA ILE A 246 -27.91 14.16 13.37
C ILE A 246 -28.22 12.90 14.17
N ALA A 247 -27.22 12.37 14.88
CA ALA A 247 -27.45 11.26 15.81
C ALA A 247 -28.16 11.89 17.02
N GLU A 248 -29.06 11.16 17.68
CA GLU A 248 -29.78 11.74 18.82
C GLU A 248 -29.11 11.45 20.18
N SER A 249 -28.06 10.62 20.18
CA SER A 249 -27.28 10.31 21.39
C SER A 249 -25.96 9.70 20.97
N ASN A 250 -24.94 9.75 21.85
CA ASN A 250 -23.69 9.04 21.61
C ASN A 250 -23.98 7.54 21.57
N ALA A 251 -24.94 7.11 22.40
CA ALA A 251 -25.34 5.69 22.47
C ALA A 251 -25.85 5.18 21.12
N GLN A 252 -26.53 6.01 20.29
CA GLN A 252 -26.99 5.56 18.96
C GLN A 252 -25.79 5.18 18.10
N LEU A 253 -24.72 6.00 18.16
CA LEU A 253 -23.52 5.73 17.37
C LEU A 253 -22.82 4.46 17.87
N VAL A 254 -22.73 4.29 19.20
CA VAL A 254 -22.12 3.09 19.79
C VAL A 254 -22.93 1.84 19.39
N ALA A 255 -24.26 1.89 19.57
CA ALA A 255 -25.17 0.77 19.29
C ALA A 255 -25.04 0.30 17.83
N ARG A 256 -24.91 1.21 16.86
CA ARG A 256 -24.76 0.80 15.45
C ARG A 256 -23.49 -0.05 15.29
N LEU A 257 -22.37 0.40 15.89
CA LEU A 257 -21.11 -0.37 15.82
C LEU A 257 -21.27 -1.73 16.48
N ALA A 258 -21.94 -1.78 17.65
CA ALA A 258 -22.17 -3.04 18.35
C ALA A 258 -23.06 -3.98 17.50
N ARG A 259 -24.09 -3.43 16.83
CA ARG A 259 -24.96 -4.25 15.97
C ARG A 259 -24.17 -4.83 14.80
N ILE A 260 -23.29 -4.02 14.18
CA ILE A 260 -22.46 -4.48 13.05
C ILE A 260 -21.49 -5.58 13.54
N ALA A 261 -20.87 -5.38 14.71
CA ALA A 261 -19.98 -6.38 15.31
C ALA A 261 -20.77 -7.70 15.54
N LYS A 262 -22.01 -7.61 16.06
CA LYS A 262 -22.87 -8.79 16.28
C LYS A 262 -23.18 -9.49 14.92
N GLU A 263 -23.49 -8.69 13.88
CA GLU A 263 -23.78 -9.24 12.55
C GLU A 263 -22.62 -10.11 12.03
N ILE A 264 -21.39 -9.60 12.14
CA ILE A 264 -20.21 -10.26 11.59
C ILE A 264 -19.58 -11.28 12.54
N GLY A 265 -20.08 -11.36 13.78
CA GLY A 265 -19.57 -12.32 14.77
C GLY A 265 -18.31 -11.89 15.49
N ARG A 266 -18.03 -10.56 15.54
CA ARG A 266 -16.87 -10.10 16.31
C ARG A 266 -17.38 -9.75 17.72
N PRO A 267 -16.90 -10.46 18.76
CA PRO A 267 -17.45 -10.18 20.10
C PRO A 267 -17.01 -8.85 20.65
N LEU A 268 -17.87 -8.24 21.48
CA LEU A 268 -17.50 -7.01 22.17
C LEU A 268 -16.71 -7.38 23.39
N ALA A 269 -15.63 -6.63 23.69
CA ALA A 269 -14.84 -6.89 24.88
C ALA A 269 -15.69 -6.67 26.12
N THR A 270 -15.52 -7.55 27.11
CA THR A 270 -16.12 -7.34 28.41
C THR A 270 -15.30 -6.24 29.10
N PRO A 271 -15.77 -5.60 30.20
CA PRO A 271 -14.90 -4.65 30.91
C PRO A 271 -13.54 -5.28 31.30
N GLU A 272 -13.56 -6.56 31.76
CA GLU A 272 -12.36 -7.31 32.14
C GLU A 272 -11.40 -7.48 30.94
N GLN A 273 -11.95 -7.85 29.77
CA GLN A 273 -11.12 -8.03 28.56
C GLN A 273 -10.56 -6.70 28.10
N ALA A 274 -11.35 -5.61 28.17
CA ALA A 274 -10.89 -4.28 27.77
C ALA A 274 -9.71 -3.86 28.66
N ARG A 275 -9.80 -4.08 30.00
CA ARG A 275 -8.70 -3.74 30.90
C ARG A 275 -7.46 -4.61 30.63
N GLU A 276 -7.65 -5.90 30.26
CA GLU A 276 -6.53 -6.78 29.94
C GLU A 276 -5.80 -6.34 28.66
N ILE A 277 -6.57 -6.06 27.58
CA ILE A 277 -6.03 -5.64 26.28
C ILE A 277 -5.27 -4.31 26.42
N LEU A 278 -5.83 -3.37 27.20
CA LEU A 278 -5.24 -2.05 27.37
C LEU A 278 -4.22 -2.00 28.52
N ALA A 279 -3.97 -3.16 29.18
CA ALA A 279 -3.00 -3.36 30.26
C ALA A 279 -3.28 -2.39 31.43
N LEU A 280 -4.56 -2.31 31.83
CA LEU A 280 -5.02 -1.45 32.92
C LEU A 280 -5.11 -2.20 34.26
N ASN A 281 -4.66 -3.47 34.31
CA ASN A 281 -4.61 -4.26 35.55
C ASN A 281 -3.19 -4.29 36.11
N HIS B 6 11.25 5.72 -16.09
CA HIS B 6 12.68 6.00 -16.03
C HIS B 6 13.21 6.47 -17.41
N HIS B 7 12.37 7.20 -18.17
CA HIS B 7 12.73 7.78 -19.48
C HIS B 7 12.27 9.25 -19.55
N GLU B 8 11.37 9.67 -18.64
CA GLU B 8 10.89 11.06 -18.53
C GLU B 8 12.06 11.91 -17.97
N PRO B 9 12.31 13.17 -18.40
CA PRO B 9 13.52 13.89 -17.93
C PRO B 9 13.54 14.10 -16.42
N LEU B 10 14.74 13.97 -15.83
CA LEU B 10 14.93 14.10 -14.38
C LEU B 10 15.46 15.49 -14.04
N ILE B 11 14.77 16.15 -13.10
CA ILE B 11 15.18 17.45 -12.55
C ILE B 11 15.85 17.20 -11.20
N LEU B 12 17.09 17.63 -11.09
CA LEU B 12 17.83 17.54 -9.82
C LEU B 12 17.91 18.92 -9.19
N THR B 13 17.54 19.00 -7.92
CA THR B 13 17.61 20.25 -7.15
C THR B 13 18.75 20.10 -6.15
N ALA B 14 19.58 21.14 -6.01
CA ALA B 14 20.63 21.18 -5.00
C ALA B 14 20.24 22.18 -3.91
N ALA B 15 19.99 21.68 -2.70
CA ALA B 15 19.67 22.48 -1.49
C ALA B 15 21.01 22.67 -0.78
N ILE B 16 21.73 23.69 -1.22
CA ILE B 16 23.15 23.84 -0.94
C ILE B 16 23.52 24.33 0.46
N THR B 17 22.64 25.06 1.17
CA THR B 17 23.05 25.68 2.43
C THR B 17 22.10 25.37 3.58
N GLY B 18 20.81 25.68 3.38
CA GLY B 18 19.80 25.49 4.42
C GLY B 18 19.97 26.42 5.60
N ALA B 19 19.20 26.16 6.66
CA ALA B 19 19.26 27.01 7.86
C ALA B 19 19.82 26.27 9.07
N GLU B 20 19.93 24.94 9.02
CA GLU B 20 20.36 24.17 10.20
C GLU B 20 21.80 23.71 10.14
N THR B 21 22.23 23.22 8.97
CA THR B 21 23.57 22.62 8.80
C THR B 21 24.66 23.60 9.25
N THR B 22 25.64 23.09 10.00
CA THR B 22 26.74 23.96 10.46
C THR B 22 28.03 23.61 9.74
N ARG B 23 28.93 24.61 9.71
CA ARG B 23 30.28 24.44 9.14
C ARG B 23 31.10 23.44 9.92
N ALA B 24 30.88 23.36 11.24
CA ALA B 24 31.64 22.40 12.01
C ALA B 24 31.35 20.97 11.55
N ASP B 25 30.07 20.64 11.30
CA ASP B 25 29.74 19.28 10.84
C ASP B 25 30.06 19.10 9.36
N GLN B 26 29.89 20.16 8.56
CA GLN B 26 30.12 20.09 7.12
C GLN B 26 31.01 21.27 6.69
N PRO B 27 32.34 21.12 6.78
CA PRO B 27 33.26 22.24 6.47
C PRO B 27 33.15 22.83 5.06
N ASN B 28 32.51 22.08 4.15
CA ASN B 28 32.34 22.54 2.76
C ASN B 28 31.06 23.31 2.57
N LEU B 29 30.32 23.55 3.66
CA LEU B 29 29.05 24.27 3.58
C LEU B 29 29.23 25.69 2.99
N PRO B 30 28.62 26.02 1.83
CA PRO B 30 28.76 27.38 1.29
C PRO B 30 27.90 28.35 2.12
N ILE B 31 28.49 29.45 2.59
CA ILE B 31 27.80 30.41 3.47
C ILE B 31 27.66 31.78 2.80
N THR B 32 28.72 32.23 2.11
CA THR B 32 28.71 33.55 1.48
C THR B 32 28.14 33.47 0.05
N PRO B 33 27.63 34.61 -0.52
CA PRO B 33 27.13 34.58 -1.90
C PRO B 33 28.15 34.03 -2.91
N GLU B 34 29.44 34.37 -2.77
CA GLU B 34 30.47 33.87 -3.69
C GLU B 34 30.65 32.35 -3.54
N GLU B 35 30.65 31.84 -2.28
CA GLU B 35 30.75 30.38 -2.04
C GLU B 35 29.54 29.66 -2.64
N GLN B 36 28.36 30.28 -2.48
CA GLN B 36 27.11 29.72 -3.01
C GLN B 36 27.12 29.71 -4.52
N ALA B 37 27.68 30.77 -5.15
CA ALA B 37 27.78 30.86 -6.61
C ALA B 37 28.73 29.77 -7.14
N LYS B 38 29.91 29.59 -6.47
CA LYS B 38 30.89 28.57 -6.88
C LYS B 38 30.28 27.17 -6.80
N GLU B 39 29.54 26.92 -5.73
CA GLU B 39 28.86 25.65 -5.52
C GLU B 39 27.76 25.44 -6.58
N ALA B 40 26.95 26.49 -6.85
CA ALA B 40 25.87 26.39 -7.85
C ALA B 40 26.42 26.04 -9.24
N LYS B 41 27.58 26.65 -9.62
CA LYS B 41 28.20 26.35 -10.91
C LYS B 41 28.61 24.87 -10.97
N ALA B 42 29.30 24.38 -9.92
CA ALA B 42 29.74 22.97 -9.88
C ALA B 42 28.52 22.04 -9.89
N CYS B 43 27.43 22.41 -9.18
CA CYS B 43 26.20 21.60 -9.16
C CYS B 43 25.54 21.55 -10.54
N PHE B 44 25.45 22.70 -11.23
CA PHE B 44 24.86 22.75 -12.57
C PHE B 44 25.64 21.85 -13.53
N GLU B 45 26.99 21.93 -13.48
CA GLU B 45 27.85 21.12 -14.34
C GLU B 45 27.67 19.62 -14.04
N ALA B 46 27.37 19.28 -12.77
CA ALA B 46 27.13 17.91 -12.33
C ALA B 46 25.72 17.40 -12.70
N GLY B 47 24.81 18.30 -13.11
CA GLY B 47 23.46 17.92 -13.53
C GLY B 47 22.30 18.62 -12.85
N ALA B 48 22.57 19.49 -11.85
CA ALA B 48 21.47 20.20 -11.16
C ALA B 48 20.83 21.24 -12.08
N ARG B 49 19.50 21.39 -12.01
CA ARG B 49 18.80 22.39 -12.82
C ARG B 49 18.09 23.41 -11.93
N VAL B 50 18.05 23.14 -10.62
CA VAL B 50 17.44 24.03 -9.63
C VAL B 50 18.37 24.18 -8.43
N ILE B 51 18.50 25.41 -7.88
CA ILE B 51 19.17 25.64 -6.60
C ILE B 51 18.10 26.05 -5.63
N HIS B 52 17.99 25.31 -4.51
CA HIS B 52 17.09 25.68 -3.42
C HIS B 52 17.92 26.53 -2.48
N LEU B 53 17.59 27.81 -2.38
CA LEU B 53 18.45 28.77 -1.70
C LEU B 53 17.95 29.33 -0.37
N HIS B 54 18.77 29.15 0.67
CA HIS B 54 18.75 29.85 1.96
C HIS B 54 19.99 30.69 1.96
N ILE B 55 19.96 31.83 2.66
CA ILE B 55 21.14 32.66 2.76
C ILE B 55 21.58 32.67 4.21
N ARG B 56 22.85 32.99 4.42
CA ARG B 56 23.43 33.13 5.75
C ARG B 56 24.21 34.41 5.83
N GLU B 57 24.39 34.92 7.05
CA GLU B 57 25.30 36.03 7.28
C GLU B 57 26.70 35.42 7.27
N ASP B 58 27.75 36.24 7.22
CA ASP B 58 29.13 35.73 7.21
C ASP B 58 29.46 34.89 8.46
N ASP B 59 28.78 35.14 9.59
CA ASP B 59 28.98 34.39 10.83
C ASP B 59 28.23 33.02 10.83
N GLY B 60 27.55 32.69 9.72
CA GLY B 60 26.82 31.43 9.56
C GLY B 60 25.38 31.46 10.05
N ARG B 61 24.94 32.59 10.64
CA ARG B 61 23.55 32.65 11.13
C ARG B 61 22.60 32.74 9.95
N PRO B 62 21.43 32.08 10.01
CA PRO B 62 20.46 32.20 8.92
C PRO B 62 20.02 33.65 8.75
N SER B 63 19.78 34.07 7.50
CA SER B 63 19.41 35.45 7.23
C SER B 63 18.16 35.55 6.40
N GLN B 64 17.47 36.69 6.51
CA GLN B 64 16.28 37.00 5.73
C GLN B 64 16.44 38.37 5.07
N ARG B 65 17.66 38.93 5.12
CA ARG B 65 17.95 40.27 4.57
C ARG B 65 17.76 40.28 3.05
N LEU B 66 16.96 41.26 2.56
CA LEU B 66 16.69 41.34 1.12
C LEU B 66 17.95 41.62 0.32
N ASP B 67 18.84 42.53 0.82
CA ASP B 67 20.07 42.82 0.08
C ASP B 67 20.98 41.58 0.02
N ARG B 68 21.00 40.74 1.07
CA ARG B 68 21.80 39.51 1.09
C ARG B 68 21.21 38.49 0.12
N PHE B 69 19.87 38.38 0.05
CA PHE B 69 19.25 37.49 -0.93
C PHE B 69 19.59 37.96 -2.35
N GLN B 70 19.50 39.29 -2.60
CA GLN B 70 19.81 39.83 -3.92
C GLN B 70 21.25 39.54 -4.31
N GLU B 71 22.19 39.68 -3.36
CA GLU B 71 23.62 39.42 -3.58
C GLU B 71 23.84 37.96 -3.99
N ALA B 72 23.21 37.03 -3.26
CA ALA B 72 23.35 35.59 -3.56
C ALA B 72 22.72 35.25 -4.91
N ILE B 73 21.51 35.77 -5.18
CA ILE B 73 20.80 35.52 -6.44
C ILE B 73 21.64 36.02 -7.62
N SER B 74 22.14 37.29 -7.53
CA SER B 74 22.97 37.88 -8.58
C SER B 74 24.27 37.11 -8.80
N ALA B 75 24.95 36.69 -7.71
CA ALA B 75 26.22 35.94 -7.82
C ALA B 75 26.00 34.60 -8.54
N ILE B 76 24.91 33.88 -8.18
CA ILE B 76 24.60 32.59 -8.80
C ILE B 76 24.26 32.78 -10.28
N ARG B 77 23.36 33.73 -10.57
CA ARG B 77 22.90 34.11 -11.91
C ARG B 77 24.08 34.38 -12.84
N GLU B 78 25.10 35.10 -12.32
CA GLU B 78 26.25 35.46 -13.14
C GLU B 78 27.09 34.27 -13.57
N VAL B 79 27.29 33.29 -12.68
CA VAL B 79 28.16 32.15 -13.01
C VAL B 79 27.38 31.05 -13.73
N VAL B 80 26.07 30.94 -13.48
CA VAL B 80 25.26 29.92 -14.13
C VAL B 80 23.84 30.49 -14.43
N PRO B 81 23.73 31.27 -15.54
CA PRO B 81 22.45 31.94 -15.87
C PRO B 81 21.27 31.01 -16.09
N GLU B 82 21.55 29.82 -16.60
CA GLU B 82 20.51 28.87 -16.93
C GLU B 82 19.87 28.17 -15.72
N ILE B 83 20.55 28.16 -14.56
CA ILE B 83 19.98 27.46 -13.41
C ILE B 83 18.73 28.20 -12.87
N ILE B 84 17.78 27.44 -12.31
CA ILE B 84 16.57 27.99 -11.71
C ILE B 84 16.91 28.29 -10.26
N ILE B 85 16.74 29.55 -9.81
CA ILE B 85 17.02 29.91 -8.42
C ILE B 85 15.70 29.94 -7.65
N GLN B 86 15.53 28.98 -6.74
CA GLN B 86 14.32 28.83 -5.95
C GLN B 86 14.61 29.31 -4.54
N ILE B 87 14.01 30.43 -4.12
CA ILE B 87 14.34 30.91 -2.78
C ILE B 87 13.43 30.23 -1.73
N SER B 88 13.96 30.05 -0.54
CA SER B 88 13.19 29.45 0.54
C SER B 88 12.33 30.49 1.25
N THR B 89 11.01 30.18 1.48
CA THR B 89 10.20 31.04 2.35
C THR B 89 10.06 30.33 3.71
N GLY B 90 10.77 29.21 3.85
CA GLY B 90 10.80 28.45 5.10
C GLY B 90 11.75 29.09 6.10
N GLY B 91 12.95 29.42 5.65
CA GLY B 91 13.97 30.03 6.50
C GLY B 91 14.29 29.16 7.70
N ALA B 92 14.72 29.78 8.78
CA ALA B 92 15.08 29.07 9.99
C ALA B 92 13.87 28.87 10.88
N VAL B 93 13.82 27.76 11.61
CA VAL B 93 12.75 27.51 12.57
C VAL B 93 12.74 28.65 13.60
N GLY B 94 11.56 29.18 13.89
CA GLY B 94 11.42 30.30 14.81
C GLY B 94 11.51 31.69 14.18
N GLU B 95 11.90 31.80 12.87
CA GLU B 95 11.96 33.10 12.19
C GLU B 95 10.55 33.67 12.07
N SER B 96 10.40 35.01 12.12
CA SER B 96 9.07 35.60 12.01
C SER B 96 8.50 35.37 10.59
N PHE B 97 7.20 35.16 10.51
CA PHE B 97 6.56 34.92 9.20
C PHE B 97 6.70 36.14 8.28
N ASP B 98 6.65 37.36 8.83
CA ASP B 98 6.81 38.61 8.08
C ASP B 98 8.14 38.61 7.33
N LYS B 99 9.24 38.25 8.03
CA LYS B 99 10.58 38.19 7.45
C LYS B 99 10.70 37.09 6.41
N ARG B 100 9.96 35.97 6.62
CA ARG B 100 9.97 34.83 5.70
C ARG B 100 9.28 35.15 4.38
N LEU B 101 8.23 35.97 4.42
CA LEU B 101 7.43 36.34 3.26
C LEU B 101 8.11 37.43 2.39
N ALA B 102 8.72 38.46 3.02
CA ALA B 102 9.26 39.64 2.33
C ALA B 102 10.14 39.34 1.08
N PRO B 103 11.03 38.32 1.05
CA PRO B 103 11.86 38.10 -0.15
C PRO B 103 11.09 37.75 -1.43
N LEU B 104 9.79 37.43 -1.34
CA LEU B 104 9.00 37.22 -2.56
C LEU B 104 8.97 38.49 -3.42
N ALA B 105 9.16 39.67 -2.79
CA ALA B 105 9.21 40.97 -3.50
C ALA B 105 10.41 41.05 -4.47
N LEU B 106 11.38 40.13 -4.32
CA LEU B 106 12.53 40.09 -5.23
C LEU B 106 12.15 39.41 -6.55
N LYS B 107 10.89 38.90 -6.63
CA LYS B 107 10.33 38.25 -7.82
C LYS B 107 11.25 37.13 -8.32
N PRO B 108 11.59 36.14 -7.47
CA PRO B 108 12.35 34.99 -7.98
C PRO B 108 11.48 34.19 -8.94
N GLU B 109 12.11 33.37 -9.79
CA GLU B 109 11.42 32.47 -10.73
C GLU B 109 10.54 31.48 -10.00
N MET B 110 10.97 31.07 -8.80
CA MET B 110 10.29 30.07 -7.99
C MET B 110 10.63 30.25 -6.51
N ALA B 111 9.75 29.81 -5.63
CA ALA B 111 9.99 29.87 -4.19
C ALA B 111 9.23 28.78 -3.49
N THR B 112 9.68 28.35 -2.32
CA THR B 112 8.97 27.29 -1.60
C THR B 112 7.79 27.86 -0.84
N LEU B 113 6.77 27.04 -0.63
CA LEU B 113 5.55 27.37 0.10
C LEU B 113 5.28 26.20 1.04
N ASN B 114 5.54 26.35 2.33
CA ASN B 114 5.36 25.27 3.30
C ASN B 114 3.89 25.13 3.65
N ALA B 115 3.38 23.90 3.51
CA ALA B 115 1.95 23.58 3.58
C ALA B 115 1.40 23.18 4.96
N GLY B 116 2.19 23.29 6.03
CA GLY B 116 1.68 22.93 7.34
C GLY B 116 2.70 23.07 8.42
N THR B 117 2.25 22.92 9.66
CA THR B 117 3.09 22.98 10.85
C THR B 117 3.50 21.58 11.27
N LEU B 118 4.72 21.42 11.80
CA LEU B 118 5.13 20.14 12.37
C LEU B 118 6.24 20.36 13.38
N ASN B 119 6.30 19.47 14.37
CA ASN B 119 7.45 19.39 15.30
C ASN B 119 8.64 19.12 14.42
N PHE B 120 9.76 19.77 14.70
CA PHE B 120 10.94 19.72 13.84
C PHE B 120 12.14 19.64 14.74
N GLY B 121 12.65 18.43 14.94
CA GLY B 121 13.71 18.18 15.91
C GLY B 121 13.18 18.51 17.31
N ASP B 122 13.90 19.38 18.05
CA ASP B 122 13.49 19.78 19.41
C ASP B 122 12.52 20.96 19.41
N ASP B 123 12.20 21.49 18.24
CA ASP B 123 11.38 22.69 18.15
C ASP B 123 10.14 22.45 17.30
N ILE B 124 9.47 23.55 16.89
CA ILE B 124 8.29 23.44 16.03
C ILE B 124 8.47 24.35 14.83
N PHE B 125 8.27 23.82 13.61
CA PHE B 125 8.30 24.63 12.39
C PHE B 125 6.87 25.09 12.17
N ILE B 126 6.59 26.36 12.47
CA ILE B 126 5.23 26.90 12.46
C ILE B 126 4.83 27.50 11.15
N ASN B 127 3.65 27.07 10.64
CA ASN B 127 3.03 27.61 9.44
C ASN B 127 1.55 27.74 9.75
N HIS B 128 1.18 28.80 10.49
CA HIS B 128 -0.21 29.01 10.90
C HIS B 128 -1.14 29.03 9.66
N PRO B 129 -2.32 28.38 9.68
CA PRO B 129 -3.20 28.41 8.50
C PRO B 129 -3.43 29.81 7.89
N ALA B 130 -3.56 30.87 8.72
CA ALA B 130 -3.77 32.24 8.21
C ALA B 130 -2.51 32.78 7.48
N ASP B 131 -1.34 32.36 7.94
CA ASP B 131 -0.07 32.75 7.34
C ASP B 131 0.16 32.00 6.03
N ILE B 132 -0.22 30.70 5.96
CA ILE B 132 -0.14 29.94 4.70
C ILE B 132 -0.96 30.69 3.63
N ILE B 133 -2.17 31.15 3.99
CA ILE B 133 -3.06 31.88 3.08
C ILE B 133 -2.38 33.20 2.66
N ARG B 134 -1.86 33.98 3.63
CA ARG B 134 -1.16 35.26 3.34
C ARG B 134 -0.02 35.01 2.34
N LEU B 135 0.78 33.94 2.59
CA LEU B 135 1.92 33.59 1.73
C LEU B 135 1.46 33.20 0.32
N ALA B 136 0.49 32.29 0.21
CA ALA B 136 -0.05 31.88 -1.09
C ALA B 136 -0.56 33.10 -1.89
N GLU B 137 -1.20 34.08 -1.19
CA GLU B 137 -1.71 35.28 -1.85
C GLU B 137 -0.56 36.14 -2.39
N ALA B 138 0.55 36.25 -1.64
CA ALA B 138 1.74 37.00 -2.08
C ALA B 138 2.34 36.35 -3.32
N PHE B 139 2.35 35.00 -3.37
CA PHE B 139 2.87 34.29 -4.55
C PHE B 139 2.08 34.72 -5.82
N LYS B 140 0.74 34.79 -5.71
CA LYS B 140 -0.11 35.19 -6.83
C LYS B 140 0.16 36.66 -7.21
N GLN B 141 0.26 37.56 -6.21
CA GLN B 141 0.48 39.00 -6.42
C GLN B 141 1.83 39.29 -7.10
N TYR B 142 2.88 38.58 -6.71
CA TYR B 142 4.23 38.74 -7.23
C TYR B 142 4.48 37.87 -8.46
N ASN B 143 3.48 37.08 -8.89
CA ASN B 143 3.56 36.18 -10.05
C ASN B 143 4.76 35.21 -9.94
N VAL B 144 4.92 34.61 -8.76
CA VAL B 144 5.98 33.66 -8.44
C VAL B 144 5.38 32.26 -8.46
N VAL B 145 6.10 31.30 -9.07
CA VAL B 145 5.62 29.92 -9.09
C VAL B 145 6.03 29.24 -7.78
N PRO B 146 5.09 28.61 -7.06
CA PRO B 146 5.48 27.91 -5.83
C PRO B 146 5.94 26.48 -6.05
N GLU B 147 6.80 26.03 -5.13
CA GLU B 147 7.12 24.64 -4.89
C GLU B 147 6.47 24.38 -3.54
N VAL B 148 5.44 23.55 -3.50
CA VAL B 148 4.71 23.33 -2.23
C VAL B 148 5.34 22.19 -1.44
N GLU B 149 5.83 22.50 -0.23
CA GLU B 149 6.53 21.54 0.62
C GLU B 149 5.55 20.80 1.49
N VAL B 150 5.56 19.46 1.39
CA VAL B 150 4.66 18.57 2.13
C VAL B 150 5.53 17.59 2.99
N TYR B 151 5.24 17.50 4.30
CA TYR B 151 6.02 16.69 5.23
C TYR B 151 5.23 15.52 5.78
N GLU B 152 3.91 15.50 5.51
CA GLU B 152 2.96 14.51 6.04
C GLU B 152 1.80 14.36 5.07
N SER B 153 1.09 13.23 5.17
CA SER B 153 -0.09 12.96 4.33
C SER B 153 -1.14 14.08 4.38
N GLY B 154 -1.47 14.54 5.59
CA GLY B 154 -2.49 15.56 5.81
C GLY B 154 -2.22 16.89 5.12
N MET B 155 -0.93 17.17 4.84
CA MET B 155 -0.56 18.41 4.16
C MET B 155 -0.98 18.36 2.70
N VAL B 156 -1.02 17.16 2.08
CA VAL B 156 -1.53 17.03 0.70
C VAL B 156 -3.01 17.44 0.68
N ASP B 157 -3.82 16.91 1.64
CA ASP B 157 -5.25 17.28 1.73
C ASP B 157 -5.42 18.79 1.96
N ALA B 158 -4.56 19.39 2.83
CA ALA B 158 -4.64 20.81 3.13
C ALA B 158 -4.37 21.64 1.86
N VAL B 159 -3.41 21.20 1.03
CA VAL B 159 -3.10 21.86 -0.26
C VAL B 159 -4.30 21.70 -1.22
N ALA B 160 -4.89 20.48 -1.28
CA ALA B 160 -6.08 20.27 -2.14
C ALA B 160 -7.22 21.23 -1.76
N ARG B 161 -7.37 21.51 -0.45
CA ARG B 161 -8.41 22.44 0.01
C ARG B 161 -8.07 23.88 -0.38
N LEU B 162 -6.78 24.26 -0.34
CA LEU B 162 -6.37 25.61 -0.76
C LEU B 162 -6.61 25.80 -2.27
N ILE B 163 -6.45 24.73 -3.07
CA ILE B 163 -6.74 24.76 -4.51
C ILE B 163 -8.24 24.96 -4.70
N LYS B 164 -9.06 24.19 -3.97
CA LYS B 164 -10.53 24.28 -4.08
C LYS B 164 -11.05 25.69 -3.72
N LYS B 165 -10.41 26.33 -2.72
CA LYS B 165 -10.77 27.66 -2.25
C LYS B 165 -10.21 28.78 -3.15
N GLY B 166 -9.38 28.41 -4.12
CA GLY B 166 -8.78 29.35 -5.07
C GLY B 166 -7.61 30.14 -4.50
N ILE B 167 -7.07 29.65 -3.40
CA ILE B 167 -5.94 30.30 -2.76
C ILE B 167 -4.66 29.89 -3.53
N ILE B 168 -4.61 28.65 -4.00
CA ILE B 168 -3.52 28.17 -4.84
C ILE B 168 -4.16 27.94 -6.22
N THR B 169 -3.73 28.75 -7.23
CA THR B 169 -4.29 28.64 -8.58
C THR B 169 -3.30 28.00 -9.57
N GLN B 170 -2.04 27.83 -9.15
CA GLN B 170 -0.96 27.25 -9.96
C GLN B 170 -1.37 25.91 -10.53
N ASN B 171 -1.32 25.79 -11.87
CA ASN B 171 -1.68 24.56 -12.56
C ASN B 171 -0.76 24.35 -13.77
N PRO B 172 0.05 23.27 -13.84
CA PRO B 172 0.23 22.19 -12.86
C PRO B 172 0.96 22.69 -11.62
N LEU B 173 0.69 22.04 -10.49
CA LEU B 173 1.32 22.41 -9.23
C LEU B 173 2.47 21.45 -8.94
N HIS B 174 3.60 21.99 -8.46
CA HIS B 174 4.74 21.18 -8.11
C HIS B 174 4.82 20.99 -6.61
N ILE B 175 4.77 19.74 -6.18
CA ILE B 175 4.82 19.33 -4.78
C ILE B 175 6.17 18.72 -4.48
N GLN B 176 6.75 19.10 -3.35
CA GLN B 176 7.95 18.40 -2.92
C GLN B 176 7.66 17.64 -1.63
N PHE B 177 7.92 16.32 -1.63
CA PHE B 177 7.79 15.54 -0.42
C PHE B 177 9.07 15.70 0.37
N VAL B 178 8.99 16.22 1.58
CA VAL B 178 10.20 16.40 2.38
C VAL B 178 10.14 15.32 3.45
N LEU B 179 10.93 14.24 3.26
CA LEU B 179 10.82 13.05 4.12
C LEU B 179 12.06 12.80 4.93
N GLY B 180 11.88 12.43 6.18
CA GLY B 180 13.01 12.14 7.07
C GLY B 180 13.28 13.18 8.12
N VAL B 181 12.43 14.23 8.18
CA VAL B 181 12.57 15.23 9.26
C VAL B 181 12.21 14.56 10.58
N PRO B 182 12.95 14.72 11.71
CA PRO B 182 12.46 14.16 12.98
C PRO B 182 11.23 14.95 13.42
N GLY B 183 10.07 14.32 13.32
CA GLY B 183 8.77 14.94 13.56
C GLY B 183 7.88 14.83 12.34
N GLY B 184 8.47 14.56 11.18
CA GLY B 184 7.73 14.41 9.94
C GLY B 184 7.75 12.98 9.43
N MET B 185 7.08 12.73 8.29
CA MET B 185 7.05 11.39 7.71
C MET B 185 8.46 10.96 7.30
N SER B 186 8.83 9.71 7.56
CA SER B 186 10.16 9.23 7.18
C SER B 186 10.26 8.98 5.67
N GLY B 187 11.49 8.78 5.19
CA GLY B 187 11.74 8.50 3.78
C GLY B 187 11.80 7.02 3.43
N LYS B 188 11.21 6.16 4.25
CA LYS B 188 11.25 4.73 3.89
C LYS B 188 10.48 4.48 2.59
N PRO B 189 10.91 3.47 1.79
CA PRO B 189 10.24 3.22 0.50
C PRO B 189 8.71 3.14 0.58
N LYS B 190 8.16 2.44 1.59
CA LYS B 190 6.69 2.36 1.74
C LYS B 190 6.04 3.76 1.75
N ASN B 191 6.69 4.72 2.43
CA ASN B 191 6.16 6.09 2.58
C ASN B 191 6.19 6.85 1.29
N LEU B 192 7.29 6.76 0.53
CA LEU B 192 7.36 7.50 -0.73
C LEU B 192 6.34 6.94 -1.74
N MET B 193 6.18 5.61 -1.77
CA MET B 193 5.19 4.96 -2.63
C MET B 193 3.78 5.42 -2.22
N TYR B 194 3.51 5.40 -0.91
CA TYR B 194 2.21 5.89 -0.40
C TYR B 194 1.99 7.36 -0.84
N MET B 195 2.97 8.24 -0.64
CA MET B 195 2.79 9.66 -0.95
C MET B 195 2.54 9.95 -2.42
N MET B 196 3.28 9.30 -3.32
CA MET B 196 3.04 9.59 -4.74
C MET B 196 1.63 9.13 -5.15
N GLU B 197 1.15 8.01 -4.57
CA GLU B 197 -0.18 7.49 -4.90
C GLU B 197 -1.25 8.37 -4.26
N HIS B 198 -1.01 8.81 -3.00
CA HIS B 198 -1.93 9.71 -2.29
C HIS B 198 -2.06 11.02 -3.07
N LEU B 199 -0.92 11.57 -3.54
CA LEU B 199 -0.92 12.81 -4.31
C LEU B 199 -1.69 12.63 -5.63
N LYS B 200 -1.49 11.50 -6.31
CA LYS B 200 -2.21 11.21 -7.58
C LYS B 200 -3.72 11.17 -7.33
N GLU B 201 -4.14 10.64 -6.17
CA GLU B 201 -5.56 10.59 -5.83
C GLU B 201 -6.14 11.97 -5.52
N GLU B 202 -5.40 12.81 -4.76
CA GLU B 202 -5.91 14.09 -4.26
C GLU B 202 -5.68 15.28 -5.18
N ILE B 203 -4.54 15.30 -5.91
CA ILE B 203 -4.19 16.41 -6.84
C ILE B 203 -3.62 15.71 -8.11
N PRO B 204 -4.52 15.17 -8.96
CA PRO B 204 -4.07 14.31 -10.08
C PRO B 204 -3.08 14.91 -11.07
N THR B 205 -3.13 16.22 -11.30
CA THR B 205 -2.22 16.83 -12.28
C THR B 205 -0.91 17.34 -11.65
N ALA B 206 -0.75 17.23 -10.33
CA ALA B 206 0.47 17.72 -9.68
C ALA B 206 1.69 16.91 -10.10
N THR B 207 2.85 17.59 -10.22
CA THR B 207 4.14 16.96 -10.44
C THR B 207 4.78 16.86 -9.06
N TRP B 208 5.84 16.04 -8.90
CA TRP B 208 6.42 15.93 -7.57
C TRP B 208 7.92 15.67 -7.60
N ALA B 209 8.55 16.04 -6.49
CA ALA B 209 9.95 15.79 -6.21
C ALA B 209 10.04 15.25 -4.78
N VAL B 210 11.20 14.68 -4.42
CA VAL B 210 11.39 14.20 -3.06
C VAL B 210 12.74 14.65 -2.54
N ALA B 211 12.77 15.04 -1.27
CA ALA B 211 13.97 15.34 -0.50
C ALA B 211 14.02 14.33 0.62
N GLY B 212 15.07 13.52 0.66
CA GLY B 212 15.26 12.50 1.69
C GLY B 212 16.31 12.98 2.67
N ILE B 213 15.89 13.43 3.85
CA ILE B 213 16.81 13.93 4.88
C ILE B 213 17.70 12.80 5.41
N GLY B 214 18.98 13.11 5.63
CA GLY B 214 19.95 12.19 6.21
C GLY B 214 20.00 10.83 5.57
N ARG B 215 19.79 9.77 6.39
CA ARG B 215 19.81 8.36 5.97
C ARG B 215 18.80 8.04 4.84
N TRP B 216 17.78 8.89 4.67
CA TRP B 216 16.74 8.62 3.67
C TRP B 216 17.09 9.13 2.29
N HIS B 217 18.24 9.79 2.13
CA HIS B 217 18.60 10.33 0.82
C HIS B 217 18.64 9.24 -0.28
N ILE B 218 19.36 8.14 -0.04
CA ILE B 218 19.51 7.09 -1.05
C ILE B 218 18.16 6.36 -1.35
N PRO B 219 17.39 5.87 -0.34
CA PRO B 219 16.13 5.18 -0.67
C PRO B 219 15.15 6.08 -1.44
N THR B 220 15.00 7.37 -1.03
CA THR B 220 14.05 8.25 -1.73
C THR B 220 14.52 8.52 -3.14
N SER B 221 15.82 8.74 -3.33
CA SER B 221 16.38 9.04 -4.65
C SER B 221 16.16 7.91 -5.64
N LEU B 222 16.47 6.67 -5.24
CA LEU B 222 16.38 5.54 -6.18
C LEU B 222 14.93 5.19 -6.50
N ILE B 223 14.00 5.39 -5.55
CA ILE B 223 12.59 5.15 -5.85
C ILE B 223 12.07 6.24 -6.80
N ALA B 224 12.40 7.51 -6.53
CA ALA B 224 11.99 8.61 -7.41
C ALA B 224 12.53 8.39 -8.83
N MET B 225 13.78 7.87 -8.94
CA MET B 225 14.41 7.62 -10.25
C MET B 225 13.54 6.80 -11.17
N VAL B 226 12.89 5.75 -10.62
CA VAL B 226 12.12 4.80 -11.42
C VAL B 226 10.59 5.00 -11.37
N THR B 227 10.13 6.05 -10.70
CA THR B 227 8.70 6.33 -10.61
C THR B 227 8.34 7.67 -11.27
N GLY B 228 9.30 8.26 -11.99
CA GLY B 228 9.07 9.52 -12.69
C GLY B 228 9.17 10.77 -11.82
N GLY B 229 9.52 10.61 -10.55
CA GLY B 229 9.67 11.74 -9.65
C GLY B 229 10.97 12.48 -9.87
N HIS B 230 11.05 13.70 -9.32
CA HIS B 230 12.25 14.52 -9.39
C HIS B 230 12.95 14.45 -8.02
N ILE B 231 14.22 14.85 -7.95
CA ILE B 231 14.98 14.62 -6.72
C ILE B 231 15.72 15.85 -6.24
N ARG B 232 15.69 16.07 -4.92
CA ARG B 232 16.44 17.11 -4.25
C ARG B 232 17.55 16.46 -3.43
N CYS B 233 18.75 17.05 -3.45
CA CYS B 233 19.87 16.58 -2.62
C CYS B 233 20.57 17.80 -2.08
N GLY B 234 21.54 17.60 -1.20
CA GLY B 234 22.32 18.73 -0.73
C GLY B 234 22.51 18.81 0.76
N PHE B 235 23.48 19.68 1.15
CA PHE B 235 23.93 19.89 2.53
C PHE B 235 22.83 20.35 3.46
N GLU B 236 21.80 20.97 2.93
CA GLU B 236 20.68 21.39 3.78
C GLU B 236 20.00 20.15 4.40
N ASP B 237 19.91 19.08 3.60
CA ASP B 237 19.21 17.84 3.94
C ASP B 237 20.09 16.71 4.40
N ASN B 238 21.32 16.63 3.88
CA ASN B 238 22.20 15.51 4.19
C ASN B 238 23.65 15.91 3.94
N ILE B 239 24.50 15.70 4.94
CA ILE B 239 25.91 16.10 4.82
C ILE B 239 26.84 14.91 4.50
N PHE B 240 26.29 13.67 4.49
CA PHE B 240 27.12 12.48 4.29
C PHE B 240 27.05 11.93 2.87
N TYR B 241 28.18 11.48 2.34
CA TYR B 241 28.19 10.83 1.03
C TYR B 241 27.88 9.35 1.24
N HIS B 242 28.50 8.75 2.29
CA HIS B 242 28.26 7.39 2.79
C HIS B 242 28.09 7.47 4.31
N LYS B 243 27.56 6.42 4.94
CA LYS B 243 27.37 6.40 6.39
C LYS B 243 28.71 6.68 7.09
N GLY B 244 28.74 7.73 7.91
CA GLY B 244 29.93 8.16 8.62
C GLY B 244 31.02 8.81 7.78
N VAL B 245 30.74 9.07 6.48
CA VAL B 245 31.68 9.69 5.55
C VAL B 245 31.09 11.02 5.06
N ILE B 246 31.61 12.12 5.57
CA ILE B 246 31.19 13.49 5.21
C ILE B 246 31.37 13.72 3.70
N ALA B 247 30.35 14.31 3.02
CA ALA B 247 30.42 14.65 1.60
C ALA B 247 31.41 15.80 1.38
N GLU B 248 32.00 15.88 0.18
CA GLU B 248 33.05 16.83 -0.19
C GLU B 248 32.49 18.14 -0.75
N SER B 249 31.29 18.09 -1.36
CA SER B 249 30.62 19.24 -1.95
C SER B 249 29.19 18.88 -2.25
N ASN B 250 28.34 19.88 -2.49
CA ASN B 250 26.97 19.58 -2.93
C ASN B 250 27.04 18.94 -4.31
N ALA B 251 28.01 19.39 -5.14
CA ALA B 251 28.22 18.85 -6.50
C ALA B 251 28.52 17.35 -6.47
N GLN B 252 29.23 16.86 -5.44
CA GLN B 252 29.51 15.42 -5.30
C GLN B 252 28.20 14.63 -5.18
N LEU B 253 27.26 15.14 -4.37
CA LEU B 253 25.96 14.49 -4.18
C LEU B 253 25.14 14.52 -5.48
N VAL B 254 25.15 15.66 -6.18
CA VAL B 254 24.43 15.81 -7.45
C VAL B 254 25.01 14.84 -8.49
N ALA B 255 26.34 14.83 -8.62
CA ALA B 255 27.04 13.99 -9.62
C ALA B 255 26.69 12.51 -9.45
N ARG B 256 26.60 12.00 -8.20
CA ARG B 256 26.22 10.59 -7.99
C ARG B 256 24.84 10.32 -8.58
N LEU B 257 23.87 11.21 -8.32
CA LEU B 257 22.52 11.02 -8.89
C LEU B 257 22.55 11.08 -10.41
N ALA B 258 23.34 12.00 -10.98
CA ALA B 258 23.45 12.11 -12.44
C ALA B 258 24.09 10.83 -13.02
N ARG B 259 25.10 10.27 -12.32
CA ARG B 259 25.73 9.02 -12.81
C ARG B 259 24.73 7.87 -12.80
N ILE B 260 23.92 7.76 -11.75
CA ILE B 260 22.90 6.69 -11.64
C ILE B 260 21.84 6.89 -12.74
N ALA B 261 21.41 8.13 -12.99
CA ALA B 261 20.45 8.41 -14.07
C ALA B 261 21.04 7.99 -15.42
N LYS B 262 22.35 8.27 -15.66
CA LYS B 262 23.03 7.88 -16.91
C LYS B 262 23.07 6.33 -17.02
N GLU B 263 23.37 5.65 -15.90
CA GLU B 263 23.44 4.18 -15.88
C GLU B 263 22.12 3.55 -16.34
N ILE B 264 21.00 4.06 -15.80
CA ILE B 264 19.68 3.49 -16.07
C ILE B 264 18.99 4.05 -17.32
N GLY B 265 19.62 5.04 -17.96
CA GLY B 265 19.09 5.64 -19.18
C GLY B 265 17.97 6.66 -18.96
N ARG B 266 17.91 7.28 -17.76
CA ARG B 266 16.93 8.33 -17.53
C ARG B 266 17.61 9.66 -17.85
N PRO B 267 17.16 10.39 -18.88
CA PRO B 267 17.86 11.63 -19.25
C PRO B 267 17.67 12.73 -18.21
N LEU B 268 18.69 13.57 -18.03
CA LEU B 268 18.57 14.75 -17.18
C LEU B 268 17.86 15.83 -17.96
N ALA B 269 16.95 16.56 -17.30
CA ALA B 269 16.25 17.66 -17.94
C ALA B 269 17.25 18.74 -18.35
N THR B 270 17.06 19.30 -19.52
CA THR B 270 17.82 20.47 -19.93
C THR B 270 17.24 21.65 -19.14
N PRO B 271 17.92 22.81 -19.05
CA PRO B 271 17.28 23.97 -18.37
C PRO B 271 15.91 24.30 -18.98
N GLU B 272 15.77 24.24 -20.33
CA GLU B 272 14.50 24.49 -21.04
C GLU B 272 13.41 23.47 -20.61
N GLN B 273 13.77 22.17 -20.54
CA GLN B 273 12.81 21.14 -20.11
C GLN B 273 12.40 21.32 -18.66
N ALA B 274 13.38 21.68 -17.79
CA ALA B 274 13.08 21.90 -16.38
C ALA B 274 12.07 23.06 -16.22
N ARG B 275 12.26 24.16 -16.98
CA ARG B 275 11.34 25.30 -16.91
C ARG B 275 9.95 24.91 -17.47
N GLU B 276 9.89 24.07 -18.52
CA GLU B 276 8.62 23.62 -19.08
C GLU B 276 7.84 22.75 -18.07
N ILE B 277 8.52 21.73 -17.48
CA ILE B 277 7.93 20.80 -16.51
C ILE B 277 7.39 21.57 -15.30
N LEU B 278 8.17 22.55 -14.80
CA LEU B 278 7.81 23.31 -13.59
C LEU B 278 6.95 24.55 -13.91
N ALA B 279 6.55 24.70 -15.20
CA ALA B 279 5.70 25.78 -15.72
C ALA B 279 6.25 27.18 -15.35
N LEU B 280 7.56 27.37 -15.55
CA LEU B 280 8.23 28.63 -15.22
C LEU B 280 8.25 29.58 -16.42
N ASN B 281 7.70 29.12 -17.56
CA ASN B 281 7.59 29.92 -18.80
C ASN B 281 6.20 30.55 -18.93
N HIS C 5 16.82 -2.29 3.72
CA HIS C 5 18.01 -1.52 4.10
C HIS C 5 19.12 -1.69 3.07
N HIS C 6 19.60 -0.55 2.51
CA HIS C 6 20.61 -0.50 1.46
C HIS C 6 22.08 -0.58 1.97
N HIS C 7 22.32 -1.41 3.02
CA HIS C 7 23.66 -1.66 3.60
C HIS C 7 23.91 -3.17 3.81
N GLU C 8 22.84 -4.01 3.79
CA GLU C 8 22.88 -5.48 3.90
C GLU C 8 23.53 -6.04 2.59
N PRO C 9 24.36 -7.13 2.59
CA PRO C 9 25.05 -7.50 1.33
C PRO C 9 24.10 -7.86 0.19
N LEU C 10 24.44 -7.44 -1.03
CA LEU C 10 23.62 -7.66 -2.21
C LEU C 10 24.12 -8.87 -3.00
N ILE C 11 23.21 -9.82 -3.29
CA ILE C 11 23.47 -10.99 -4.12
C ILE C 11 22.91 -10.71 -5.51
N LEU C 12 23.78 -10.79 -6.51
CA LEU C 12 23.39 -10.62 -7.91
C LEU C 12 23.37 -11.97 -8.58
N THR C 13 22.26 -12.29 -9.26
CA THR C 13 22.10 -13.53 -10.01
C THR C 13 22.15 -13.19 -11.50
N ALA C 14 22.92 -13.95 -12.30
CA ALA C 14 22.93 -13.78 -13.76
C ALA C 14 22.21 -14.95 -14.40
N ALA C 15 21.05 -14.68 -15.04
CA ALA C 15 20.24 -15.67 -15.78
C ALA C 15 20.70 -15.55 -17.23
N ILE C 16 21.78 -16.27 -17.53
CA ILE C 16 22.58 -16.04 -18.74
C ILE C 16 22.02 -16.53 -20.07
N THR C 17 21.14 -17.54 -20.07
CA THR C 17 20.74 -18.14 -21.34
C THR C 17 19.22 -18.27 -21.47
N GLY C 18 18.57 -18.90 -20.49
CA GLY C 18 17.13 -19.13 -20.52
C GLY C 18 16.69 -20.10 -21.59
N ALA C 19 15.37 -20.18 -21.79
CA ALA C 19 14.82 -21.14 -22.79
C ALA C 19 14.20 -20.43 -23.98
N GLU C 20 13.93 -19.13 -23.90
CA GLU C 20 13.22 -18.41 -24.95
C GLU C 20 14.12 -17.54 -25.82
N THR C 21 15.07 -16.82 -25.21
CA THR C 21 15.93 -15.88 -25.93
C THR C 21 16.66 -16.53 -27.12
N THR C 22 16.74 -15.79 -28.24
CA THR C 22 17.40 -16.31 -29.44
C THR C 22 18.61 -15.46 -29.81
N ARG C 23 19.52 -16.08 -30.55
CA ARG C 23 20.72 -15.48 -31.10
C ARG C 23 20.36 -14.42 -32.13
N ALA C 24 19.21 -14.60 -32.84
CA ALA C 24 18.69 -13.65 -33.85
C ALA C 24 18.45 -12.27 -33.23
N ASP C 25 17.93 -12.23 -31.97
CA ASP C 25 17.69 -10.97 -31.25
C ASP C 25 18.91 -10.53 -30.45
N GLN C 26 19.65 -11.51 -29.91
CA GLN C 26 20.78 -11.25 -29.02
C GLN C 26 21.98 -12.09 -29.44
N PRO C 27 22.81 -11.57 -30.36
CA PRO C 27 23.94 -12.37 -30.88
C PRO C 27 24.95 -12.79 -29.81
N ASN C 28 24.97 -12.10 -28.66
CA ASN C 28 25.91 -12.39 -27.57
C ASN C 28 25.40 -13.50 -26.62
N LEU C 29 24.24 -14.09 -26.92
CA LEU C 29 23.67 -15.16 -26.08
C LEU C 29 24.62 -16.38 -25.95
N PRO C 30 25.07 -16.75 -24.72
CA PRO C 30 25.92 -17.96 -24.59
C PRO C 30 25.04 -19.20 -24.71
N ILE C 31 25.40 -20.15 -25.59
CA ILE C 31 24.60 -21.34 -25.88
C ILE C 31 25.32 -22.63 -25.45
N THR C 32 26.63 -22.73 -25.73
CA THR C 32 27.40 -23.93 -25.39
C THR C 32 27.95 -23.88 -23.97
N PRO C 33 28.29 -25.04 -23.34
CA PRO C 33 28.90 -25.01 -22.00
C PRO C 33 30.14 -24.12 -21.93
N GLU C 34 31.00 -24.12 -22.98
CA GLU C 34 32.21 -23.29 -23.05
C GLU C 34 31.84 -21.79 -23.02
N GLU C 35 30.82 -21.38 -23.81
CA GLU C 35 30.36 -19.99 -23.85
C GLU C 35 29.75 -19.59 -22.52
N GLN C 36 29.01 -20.52 -21.91
CA GLN C 36 28.37 -20.27 -20.62
C GLN C 36 29.42 -20.12 -19.51
N ALA C 37 30.51 -20.92 -19.57
CA ALA C 37 31.61 -20.84 -18.60
C ALA C 37 32.31 -19.47 -18.73
N LYS C 38 32.59 -19.03 -19.98
CA LYS C 38 33.26 -17.74 -20.24
C LYS C 38 32.40 -16.58 -19.71
N GLU C 39 31.09 -16.66 -19.95
CA GLU C 39 30.13 -15.66 -19.49
C GLU C 39 30.08 -15.67 -17.95
N ALA C 40 30.01 -16.85 -17.33
CA ALA C 40 29.93 -16.97 -15.86
C ALA C 40 31.16 -16.35 -15.20
N LYS C 41 32.36 -16.58 -15.78
CA LYS C 41 33.59 -15.98 -15.23
C LYS C 41 33.50 -14.44 -15.30
N ALA C 42 33.11 -13.89 -16.47
CA ALA C 42 32.99 -12.43 -16.63
C ALA C 42 31.92 -11.87 -15.68
N CYS C 43 30.79 -12.60 -15.49
CA CYS C 43 29.72 -12.18 -14.57
C CYS C 43 30.22 -12.17 -13.12
N PHE C 44 30.95 -13.21 -12.71
CA PHE C 44 31.49 -13.29 -11.36
C PHE C 44 32.42 -12.10 -11.10
N GLU C 45 33.29 -11.80 -12.07
CA GLU C 45 34.26 -10.69 -11.93
C GLU C 45 33.52 -9.36 -11.85
N ALA C 46 32.33 -9.26 -12.49
CA ALA C 46 31.49 -8.05 -12.49
C ALA C 46 30.65 -7.93 -11.20
N GLY C 47 30.58 -9.00 -10.41
CA GLY C 47 29.87 -8.97 -9.13
C GLY C 47 28.80 -10.04 -8.91
N ALA C 48 28.55 -10.92 -9.92
CA ALA C 48 27.52 -11.97 -9.76
C ALA C 48 27.98 -13.05 -8.81
N ARG C 49 27.07 -13.55 -7.96
CA ARG C 49 27.45 -14.61 -7.04
C ARG C 49 26.65 -15.88 -7.32
N VAL C 50 25.64 -15.78 -8.20
CA VAL C 50 24.79 -16.91 -8.60
C VAL C 50 24.63 -16.90 -10.13
N ILE C 51 24.68 -18.07 -10.76
CA ILE C 51 24.34 -18.25 -12.18
C ILE C 51 23.05 -19.05 -12.21
N HIS C 52 22.01 -18.51 -12.83
CA HIS C 52 20.74 -19.22 -13.05
C HIS C 52 20.89 -19.88 -14.38
N LEU C 53 20.95 -21.21 -14.38
CA LEU C 53 21.33 -21.95 -15.57
C LEU C 53 20.23 -22.76 -16.25
N HIS C 54 20.04 -22.44 -17.56
CA HIS C 54 19.33 -23.26 -18.54
C HIS C 54 20.40 -23.72 -19.49
N ILE C 55 20.22 -24.88 -20.10
CA ILE C 55 21.19 -25.37 -21.09
C ILE C 55 20.52 -25.43 -22.43
N ARG C 56 21.33 -25.41 -23.48
CA ARG C 56 20.87 -25.54 -24.85
C ARG C 56 21.70 -26.53 -25.58
N GLU C 57 21.12 -27.12 -26.65
CA GLU C 57 21.90 -27.94 -27.58
C GLU C 57 22.74 -26.97 -28.42
N ASP C 58 23.74 -27.47 -29.17
CA ASP C 58 24.61 -26.60 -29.98
C ASP C 58 23.84 -25.73 -30.99
N ASP C 59 22.67 -26.21 -31.44
CA ASP C 59 21.85 -25.47 -32.39
C ASP C 59 20.93 -24.43 -31.72
N GLY C 60 21.01 -24.31 -30.40
CA GLY C 60 20.20 -23.35 -29.68
C GLY C 60 18.90 -23.87 -29.10
N ARG C 61 18.56 -25.16 -29.32
CA ARG C 61 17.33 -25.74 -28.76
C ARG C 61 17.41 -25.87 -27.26
N PRO C 62 16.35 -25.53 -26.48
CA PRO C 62 16.40 -25.78 -25.03
C PRO C 62 16.62 -27.27 -24.76
N SER C 63 17.36 -27.58 -23.70
CA SER C 63 17.65 -28.96 -23.38
C SER C 63 17.38 -29.27 -21.89
N GLN C 64 17.07 -30.55 -21.61
CA GLN C 64 16.91 -31.06 -20.26
C GLN C 64 17.86 -32.24 -20.01
N ARG C 65 18.77 -32.49 -20.95
CA ARG C 65 19.73 -33.62 -20.87
C ARG C 65 20.65 -33.49 -19.67
N LEU C 66 20.74 -34.54 -18.84
CA LEU C 66 21.61 -34.53 -17.66
C LEU C 66 23.08 -34.47 -18.04
N ASP C 67 23.48 -35.07 -19.15
CA ASP C 67 24.88 -35.04 -19.57
C ASP C 67 25.27 -33.62 -19.97
N ARG C 68 24.36 -32.92 -20.63
CA ARG C 68 24.57 -31.53 -21.05
C ARG C 68 24.59 -30.60 -19.83
N PHE C 69 23.71 -30.85 -18.83
CA PHE C 69 23.74 -30.04 -17.60
C PHE C 69 25.07 -30.26 -16.90
N GLN C 70 25.53 -31.52 -16.82
CA GLN C 70 26.80 -31.82 -16.15
C GLN C 70 27.96 -31.11 -16.85
N GLU C 71 27.95 -31.09 -18.19
CA GLU C 71 29.00 -30.45 -18.99
C GLU C 71 29.05 -28.95 -18.69
N ALA C 72 27.87 -28.29 -18.64
CA ALA C 72 27.80 -26.85 -18.35
C ALA C 72 28.22 -26.57 -16.91
N ILE C 73 27.71 -27.37 -15.94
CA ILE C 73 28.06 -27.21 -14.52
C ILE C 73 29.58 -27.36 -14.33
N SER C 74 30.17 -28.43 -14.90
CA SER C 74 31.62 -28.69 -14.80
C SER C 74 32.43 -27.56 -15.44
N ALA C 75 32.04 -27.09 -16.65
CA ALA C 75 32.76 -26.00 -17.35
C ALA C 75 32.76 -24.71 -16.52
N ILE C 76 31.61 -24.37 -15.91
CA ILE C 76 31.49 -23.17 -15.08
C ILE C 76 32.34 -23.35 -13.80
N ARG C 77 32.23 -24.52 -13.11
CA ARG C 77 32.96 -24.80 -11.86
C ARG C 77 34.48 -24.76 -12.11
N GLU C 78 34.92 -25.19 -13.29
CA GLU C 78 36.36 -25.20 -13.60
C GLU C 78 36.94 -23.79 -13.69
N VAL C 79 36.20 -22.82 -14.26
CA VAL C 79 36.72 -21.46 -14.46
C VAL C 79 36.39 -20.55 -13.26
N VAL C 80 35.29 -20.82 -12.55
CA VAL C 80 34.86 -19.98 -11.44
C VAL C 80 34.20 -20.88 -10.35
N PRO C 81 35.04 -21.60 -9.57
CA PRO C 81 34.49 -22.54 -8.57
C PRO C 81 33.75 -21.86 -7.41
N GLU C 82 33.95 -20.56 -7.20
CA GLU C 82 33.26 -19.87 -6.11
C GLU C 82 31.80 -19.52 -6.44
N ILE C 83 31.44 -19.42 -7.74
CA ILE C 83 30.07 -19.03 -8.08
C ILE C 83 29.07 -20.15 -7.70
N ILE C 84 27.85 -19.73 -7.33
CA ILE C 84 26.77 -20.66 -7.00
C ILE C 84 26.07 -21.02 -8.31
N ILE C 85 25.99 -22.32 -8.65
CA ILE C 85 25.32 -22.72 -9.88
C ILE C 85 23.92 -23.20 -9.53
N GLN C 86 22.93 -22.45 -9.97
CA GLN C 86 21.52 -22.72 -9.70
C GLN C 86 20.87 -23.24 -10.97
N ILE C 87 20.42 -24.46 -10.96
CA ILE C 87 19.84 -24.97 -12.20
C ILE C 87 18.34 -24.69 -12.25
N SER C 88 17.83 -24.54 -13.44
CA SER C 88 16.40 -24.29 -13.62
C SER C 88 15.63 -25.60 -13.64
N THR C 89 14.51 -25.69 -12.88
CA THR C 89 13.61 -26.85 -13.03
C THR C 89 12.36 -26.36 -13.82
N GLY C 90 12.40 -25.12 -14.28
CA GLY C 90 11.33 -24.53 -15.08
C GLY C 90 11.43 -24.99 -16.53
N GLY C 91 12.64 -24.86 -17.09
CA GLY C 91 12.91 -25.25 -18.46
C GLY C 91 12.08 -24.48 -19.47
N ALA C 92 11.82 -25.08 -20.63
CA ALA C 92 11.00 -24.48 -21.68
C ALA C 92 9.52 -24.78 -21.40
N VAL C 93 8.61 -23.81 -21.65
CA VAL C 93 7.15 -24.02 -21.44
C VAL C 93 6.73 -25.26 -22.23
N GLY C 94 5.95 -26.13 -21.58
CA GLY C 94 5.46 -27.35 -22.21
C GLY C 94 6.33 -28.57 -22.01
N GLU C 95 7.55 -28.40 -21.41
CA GLU C 95 8.42 -29.56 -21.17
C GLU C 95 7.75 -30.54 -20.17
N SER C 96 8.02 -31.86 -20.28
CA SER C 96 7.42 -32.82 -19.34
C SER C 96 7.96 -32.59 -17.92
N PHE C 97 7.11 -32.78 -16.90
CA PHE C 97 7.55 -32.57 -15.51
C PHE C 97 8.68 -33.55 -15.12
N ASP C 98 8.63 -34.80 -15.62
CA ASP C 98 9.68 -35.79 -15.34
C ASP C 98 11.06 -35.27 -15.79
N LYS C 99 11.15 -34.71 -17.02
CA LYS C 99 12.39 -34.17 -17.55
C LYS C 99 12.83 -32.93 -16.77
N ARG C 100 11.87 -32.16 -16.25
CA ARG C 100 12.16 -30.94 -15.48
C ARG C 100 12.73 -31.27 -14.11
N LEU C 101 12.26 -32.35 -13.49
CA LEU C 101 12.68 -32.78 -12.15
C LEU C 101 14.01 -33.52 -12.17
N ALA C 102 14.23 -34.39 -13.18
CA ALA C 102 15.39 -35.27 -13.33
C ALA C 102 16.78 -34.61 -12.99
N PRO C 103 17.10 -33.35 -13.41
CA PRO C 103 18.45 -32.80 -13.12
C PRO C 103 18.75 -32.59 -11.63
N LEU C 104 17.74 -32.65 -10.73
CA LEU C 104 18.02 -32.52 -9.29
C LEU C 104 18.94 -33.65 -8.81
N ALA C 105 18.93 -34.79 -9.52
CA ALA C 105 19.79 -35.95 -9.21
C ALA C 105 21.28 -35.60 -9.38
N LEU C 106 21.62 -34.46 -10.03
CA LEU C 106 23.01 -34.01 -10.18
C LEU C 106 23.48 -33.32 -8.91
N LYS C 107 22.58 -33.19 -7.92
CA LYS C 107 22.85 -32.59 -6.61
C LYS C 107 23.49 -31.20 -6.75
N PRO C 108 22.84 -30.25 -7.49
CA PRO C 108 23.39 -28.87 -7.52
C PRO C 108 23.24 -28.24 -6.14
N GLU C 109 23.94 -27.14 -5.86
CA GLU C 109 23.79 -26.46 -4.58
C GLU C 109 22.38 -25.91 -4.42
N MET C 110 21.84 -25.44 -5.56
CA MET C 110 20.55 -24.76 -5.59
C MET C 110 19.83 -25.03 -6.90
N ALA C 111 18.51 -24.93 -6.89
CA ALA C 111 17.69 -25.06 -8.10
C ALA C 111 16.38 -24.31 -7.92
N THR C 112 15.75 -23.90 -9.02
CA THR C 112 14.47 -23.17 -8.90
C THR C 112 13.34 -24.15 -8.67
N LEU C 113 12.28 -23.67 -8.01
CA LEU C 113 11.08 -24.44 -7.69
C LEU C 113 9.91 -23.52 -8.01
N ASN C 114 9.22 -23.77 -9.13
CA ASN C 114 8.10 -22.91 -9.55
C ASN C 114 6.88 -23.25 -8.71
N ALA C 115 6.29 -22.21 -8.08
CA ALA C 115 5.24 -22.34 -7.07
C ALA C 115 3.80 -22.28 -7.58
N GLY C 116 3.58 -22.28 -8.89
CA GLY C 116 2.21 -22.25 -9.39
C GLY C 116 2.12 -22.24 -10.89
N THR C 117 0.90 -22.37 -11.40
CA THR C 117 0.61 -22.36 -12.83
C THR C 117 0.15 -20.99 -13.25
N LEU C 118 0.54 -20.57 -14.47
CA LEU C 118 0.02 -19.30 -15.01
C LEU C 118 0.08 -19.33 -16.52
N ASN C 119 -0.87 -18.62 -17.16
CA ASN C 119 -0.80 -18.35 -18.59
C ASN C 119 0.51 -17.61 -18.81
N PHE C 120 1.22 -17.99 -19.87
CA PHE C 120 2.57 -17.49 -20.12
C PHE C 120 2.65 -17.20 -21.60
N GLY C 121 2.49 -15.92 -21.96
CA GLY C 121 2.40 -15.55 -23.37
C GLY C 121 1.15 -16.17 -23.98
N ASP C 122 1.30 -16.90 -25.10
CA ASP C 122 0.19 -17.56 -25.78
C ASP C 122 -0.06 -18.98 -25.24
N ASP C 123 0.74 -19.42 -24.26
CA ASP C 123 0.67 -20.79 -23.74
C ASP C 123 0.37 -20.79 -22.25
N ILE C 124 0.55 -21.95 -21.60
CA ILE C 124 0.37 -22.06 -20.15
C ILE C 124 1.62 -22.72 -19.57
N PHE C 125 2.20 -22.10 -18.53
CA PHE C 125 3.32 -22.70 -17.81
C PHE C 125 2.70 -23.50 -16.68
N ILE C 126 2.67 -24.83 -16.82
CA ILE C 126 1.96 -25.72 -15.90
C ILE C 126 2.82 -26.22 -14.77
N ASN C 127 2.30 -26.07 -13.54
CA ASN C 127 2.91 -26.61 -12.32
C ASN C 127 1.78 -27.16 -11.48
N HIS C 128 1.31 -28.38 -11.84
CA HIS C 128 0.19 -29.01 -11.13
C HIS C 128 0.50 -29.12 -9.63
N PRO C 129 -0.47 -28.85 -8.72
CA PRO C 129 -0.19 -28.95 -7.27
C PRO C 129 0.51 -30.26 -6.85
N ALA C 130 0.15 -31.42 -7.43
CA ALA C 130 0.76 -32.72 -7.07
C ALA C 130 2.24 -32.77 -7.52
N ASP C 131 2.55 -32.13 -8.65
CA ASP C 131 3.91 -32.05 -9.20
C ASP C 131 4.77 -31.09 -8.38
N ILE C 132 4.20 -29.96 -7.90
CA ILE C 132 4.92 -29.04 -7.01
C ILE C 132 5.36 -29.83 -5.76
N ILE C 133 4.46 -30.64 -5.17
CA ILE C 133 4.77 -31.45 -3.99
C ILE C 133 5.88 -32.45 -4.34
N ARG C 134 5.74 -33.19 -5.47
CA ARG C 134 6.75 -34.17 -5.92
C ARG C 134 8.13 -33.51 -6.06
N LEU C 135 8.15 -32.30 -6.65
CA LEU C 135 9.39 -31.55 -6.84
C LEU C 135 10.00 -31.14 -5.49
N ALA C 136 9.17 -30.56 -4.58
CA ALA C 136 9.62 -30.15 -3.25
C ALA C 136 10.20 -31.33 -2.46
N GLU C 137 9.63 -32.55 -2.65
CA GLU C 137 10.13 -33.77 -1.98
C GLU C 137 11.47 -34.18 -2.57
N ALA C 138 11.63 -34.04 -3.91
CA ALA C 138 12.87 -34.38 -4.62
C ALA C 138 14.03 -33.44 -4.23
N PHE C 139 13.73 -32.13 -3.97
CA PHE C 139 14.74 -31.17 -3.49
C PHE C 139 15.36 -31.69 -2.17
N LYS C 140 14.50 -32.13 -1.23
CA LYS C 140 14.92 -32.69 0.07
C LYS C 140 15.69 -33.99 -0.09
N GLN C 141 15.24 -34.87 -1.02
CA GLN C 141 15.87 -36.15 -1.34
C GLN C 141 17.32 -35.94 -1.80
N TYR C 142 17.55 -34.92 -2.65
CA TYR C 142 18.88 -34.67 -3.20
C TYR C 142 19.64 -33.55 -2.50
N ASN C 143 19.16 -33.11 -1.31
CA ASN C 143 19.77 -32.06 -0.47
C ASN C 143 20.06 -30.79 -1.29
N VAL C 144 19.08 -30.38 -2.12
CA VAL C 144 19.15 -29.17 -2.94
C VAL C 144 18.34 -28.08 -2.26
N VAL C 145 18.91 -26.89 -2.13
CA VAL C 145 18.21 -25.74 -1.56
C VAL C 145 17.38 -25.12 -2.68
N PRO C 146 16.10 -24.87 -2.44
CA PRO C 146 15.30 -24.25 -3.51
C PRO C 146 15.38 -22.73 -3.54
N GLU C 147 15.16 -22.17 -4.73
CA GLU C 147 14.79 -20.80 -4.96
C GLU C 147 13.36 -20.89 -5.42
N VAL C 148 12.40 -20.43 -4.61
CA VAL C 148 10.98 -20.61 -4.93
C VAL C 148 10.51 -19.44 -5.79
N GLU C 149 10.09 -19.75 -7.05
CA GLU C 149 9.67 -18.75 -8.04
C GLU C 149 8.20 -18.41 -7.89
N VAL C 150 7.88 -17.13 -7.64
CA VAL C 150 6.48 -16.69 -7.48
C VAL C 150 6.20 -15.61 -8.49
N TYR C 151 5.09 -15.77 -9.19
CA TYR C 151 4.69 -14.88 -10.28
C TYR C 151 3.46 -14.07 -9.93
N GLU C 152 2.82 -14.39 -8.82
CA GLU C 152 1.54 -13.82 -8.38
C GLU C 152 1.43 -13.90 -6.86
N SER C 153 0.60 -13.02 -6.29
CA SER C 153 0.34 -13.00 -4.85
C SER C 153 -0.06 -14.37 -4.27
N GLY C 154 -1.00 -15.05 -4.93
CA GLY C 154 -1.54 -16.33 -4.47
C GLY C 154 -0.52 -17.43 -4.34
N MET C 155 0.60 -17.32 -5.08
CA MET C 155 1.67 -18.31 -5.00
C MET C 155 2.41 -18.20 -3.68
N VAL C 156 2.48 -17.00 -3.08
CA VAL C 156 3.08 -16.84 -1.74
C VAL C 156 2.24 -17.65 -0.72
N ASP C 157 0.90 -17.49 -0.77
CA ASP C 157 0.01 -18.23 0.14
C ASP C 157 0.14 -19.73 -0.06
N ALA C 158 0.24 -20.19 -1.33
CA ALA C 158 0.37 -21.62 -1.65
C ALA C 158 1.67 -22.18 -1.03
N VAL C 159 2.77 -21.40 -1.10
CA VAL C 159 4.05 -21.79 -0.49
C VAL C 159 3.90 -21.82 1.05
N ALA C 160 3.22 -20.82 1.64
CA ALA C 160 2.97 -20.80 3.11
C ALA C 160 2.20 -22.07 3.55
N ARG C 161 1.29 -22.57 2.70
CA ARG C 161 0.56 -23.79 3.03
C ARG C 161 1.47 -25.01 2.96
N LEU C 162 2.40 -25.04 1.98
CA LEU C 162 3.35 -26.15 1.88
C LEU C 162 4.31 -26.17 3.08
N ILE C 163 4.63 -24.98 3.62
CA ILE C 163 5.47 -24.85 4.83
C ILE C 163 4.69 -25.43 6.03
N LYS C 164 3.42 -25.03 6.17
CA LYS C 164 2.55 -25.48 7.26
C LYS C 164 2.38 -27.01 7.25
N LYS C 165 2.29 -27.61 6.05
CA LYS C 165 2.13 -29.05 5.87
C LYS C 165 3.46 -29.82 6.01
N GLY C 166 4.57 -29.08 6.23
CA GLY C 166 5.90 -29.66 6.38
C GLY C 166 6.53 -30.16 5.09
N ILE C 167 5.96 -29.80 3.93
CA ILE C 167 6.46 -30.20 2.60
C ILE C 167 7.68 -29.33 2.24
N ILE C 168 7.65 -28.03 2.61
CA ILE C 168 8.80 -27.15 2.44
C ILE C 168 9.29 -26.86 3.86
N THR C 169 10.48 -27.38 4.21
CA THR C 169 11.04 -27.19 5.55
C THR C 169 12.25 -26.27 5.52
N GLN C 170 12.71 -25.88 4.31
CA GLN C 170 13.85 -24.99 4.14
C GLN C 170 13.65 -23.72 4.97
N ASN C 171 14.60 -23.44 5.86
CA ASN C 171 14.55 -22.28 6.74
C ASN C 171 15.94 -21.69 6.92
N PRO C 172 16.20 -20.44 6.49
CA PRO C 172 15.29 -19.49 5.82
C PRO C 172 15.00 -19.93 4.39
N LEU C 173 13.86 -19.55 3.87
CA LEU C 173 13.44 -19.89 2.52
C LEU C 173 13.72 -18.71 1.60
N HIS C 174 14.25 -18.96 0.42
CA HIS C 174 14.51 -17.89 -0.54
C HIS C 174 13.47 -17.87 -1.61
N ILE C 175 12.77 -16.74 -1.72
CA ILE C 175 11.72 -16.52 -2.71
C ILE C 175 12.20 -15.58 -3.79
N GLN C 176 11.89 -15.88 -5.05
CA GLN C 176 12.21 -14.93 -6.10
CA GLN C 176 12.22 -14.97 -6.13
C GLN C 176 10.91 -14.47 -6.74
N PHE C 177 10.70 -13.14 -6.75
CA PHE C 177 9.53 -12.59 -7.40
C PHE C 177 9.88 -12.48 -8.90
N VAL C 178 9.10 -13.14 -9.76
CA VAL C 178 9.34 -13.10 -11.21
C VAL C 178 8.26 -12.22 -11.76
N LEU C 179 8.63 -10.97 -12.07
CA LEU C 179 7.65 -9.95 -12.47
C LEU C 179 7.84 -9.47 -13.89
N GLY C 180 6.74 -9.34 -14.61
CA GLY C 180 6.77 -8.85 -16.00
C GLY C 180 6.48 -9.92 -17.03
N VAL C 181 6.14 -11.15 -16.60
CA VAL C 181 5.74 -12.20 -17.55
C VAL C 181 4.36 -11.82 -18.14
N PRO C 182 4.10 -11.92 -19.47
CA PRO C 182 2.73 -11.67 -19.95
C PRO C 182 1.82 -12.83 -19.47
N GLY C 183 0.97 -12.51 -18.51
CA GLY C 183 0.11 -13.49 -17.83
C GLY C 183 0.37 -13.48 -16.33
N GLY C 184 1.51 -12.93 -15.92
CA GLY C 184 1.88 -12.83 -14.51
C GLY C 184 1.84 -11.41 -14.01
N MET C 185 2.16 -11.22 -12.72
CA MET C 185 2.17 -9.87 -12.13
C MET C 185 3.28 -9.02 -12.79
N SER C 186 3.01 -7.76 -13.09
CA SER C 186 4.02 -6.89 -13.72
C SER C 186 5.07 -6.42 -12.69
N GLY C 187 6.17 -5.84 -13.19
CA GLY C 187 7.24 -5.33 -12.34
C GLY C 187 7.11 -3.87 -11.97
N LYS C 188 5.88 -3.30 -12.06
CA LYS C 188 5.72 -1.88 -11.68
C LYS C 188 6.05 -1.71 -10.18
N PRO C 189 6.61 -0.55 -9.80
CA PRO C 189 7.00 -0.32 -8.39
C PRO C 189 5.94 -0.70 -7.36
N LYS C 190 4.65 -0.34 -7.60
CA LYS C 190 3.57 -0.69 -6.66
C LYS C 190 3.55 -2.20 -6.39
N ASN C 191 3.76 -3.00 -7.44
CA ASN C 191 3.70 -4.47 -7.32
C ASN C 191 4.86 -5.04 -6.52
N LEU C 192 6.08 -4.52 -6.73
CA LEU C 192 7.21 -5.05 -5.99
C LEU C 192 7.10 -4.68 -4.51
N MET C 193 6.65 -3.46 -4.22
CA MET C 193 6.41 -3.03 -2.84
C MET C 193 5.34 -3.89 -2.21
N TYR C 194 4.24 -4.15 -2.94
CA TYR C 194 3.18 -5.01 -2.41
C TYR C 194 3.73 -6.42 -2.12
N MET C 195 4.50 -7.00 -3.05
CA MET C 195 4.98 -8.38 -2.90
C MET C 195 5.92 -8.54 -1.72
N MET C 196 6.88 -7.62 -1.51
CA MET C 196 7.79 -7.78 -0.37
C MET C 196 7.03 -7.67 0.95
N GLU C 197 6.02 -6.78 1.01
CA GLU C 197 5.23 -6.61 2.23
C GLU C 197 4.32 -7.83 2.45
N HIS C 198 3.71 -8.35 1.37
CA HIS C 198 2.86 -9.54 1.41
C HIS C 198 3.69 -10.74 1.90
N LEU C 199 4.90 -10.90 1.37
CA LEU C 199 5.81 -11.99 1.77
C LEU C 199 6.18 -11.86 3.26
N LYS C 200 6.48 -10.63 3.73
CA LYS C 200 6.84 -10.38 5.13
C LYS C 200 5.67 -10.77 6.04
N GLU C 201 4.43 -10.54 5.58
CA GLU C 201 3.25 -10.91 6.37
C GLU C 201 3.04 -12.43 6.44
N GLU C 202 3.20 -13.13 5.28
CA GLU C 202 2.87 -14.55 5.17
C GLU C 202 4.02 -15.51 5.52
N ILE C 203 5.26 -15.15 5.18
CA ILE C 203 6.46 -15.97 5.44
C ILE C 203 7.53 -14.99 5.99
N PRO C 204 7.40 -14.58 7.28
CA PRO C 204 8.27 -13.52 7.83
C PRO C 204 9.78 -13.74 7.76
N THR C 205 10.24 -14.98 7.81
CA THR C 205 11.69 -15.24 7.79
C THR C 205 12.24 -15.44 6.37
N ALA C 206 11.38 -15.44 5.33
CA ALA C 206 11.87 -15.61 3.97
C ALA C 206 12.74 -14.46 3.51
N THR C 207 13.78 -14.76 2.72
CA THR C 207 14.61 -13.77 2.03
C THR C 207 14.02 -13.67 0.63
N TRP C 208 14.36 -12.62 -0.13
CA TRP C 208 13.77 -12.51 -1.44
C TRP C 208 14.68 -11.85 -2.45
N ALA C 209 14.43 -12.15 -3.71
CA ALA C 209 15.08 -11.57 -4.87
C ALA C 209 14.01 -11.20 -5.88
N VAL C 210 14.36 -10.36 -6.85
CA VAL C 210 13.41 -10.00 -7.89
C VAL C 210 14.09 -10.13 -9.26
N ALA C 211 13.31 -10.62 -10.22
CA ALA C 211 13.66 -10.67 -11.65
C ALA C 211 12.62 -9.84 -12.37
N GLY C 212 13.06 -8.75 -12.97
CA GLY C 212 12.17 -7.84 -13.71
C GLY C 212 12.35 -8.12 -15.18
N ILE C 213 11.36 -8.76 -15.79
CA ILE C 213 11.40 -9.11 -17.21
C ILE C 213 11.35 -7.86 -18.09
N GLY C 214 12.19 -7.82 -19.13
CA GLY C 214 12.23 -6.75 -20.12
C GLY C 214 12.27 -5.36 -19.52
N ARG C 215 11.24 -4.54 -19.85
CA ARG C 215 11.11 -3.14 -19.41
C ARG C 215 11.13 -2.99 -17.87
N TRP C 216 10.82 -4.06 -17.14
CA TRP C 216 10.75 -3.98 -15.68
C TRP C 216 12.09 -4.18 -14.99
N HIS C 217 13.16 -4.45 -15.75
CA HIS C 217 14.46 -4.72 -15.13
C HIS C 217 14.96 -3.55 -14.25
N ILE C 218 14.95 -2.32 -14.78
CA ILE C 218 15.46 -1.16 -14.02
C ILE C 218 14.54 -0.83 -12.80
N PRO C 219 13.21 -0.67 -12.94
CA PRO C 219 12.39 -0.36 -11.75
C PRO C 219 12.52 -1.41 -10.64
N THR C 220 12.51 -2.71 -10.99
CA THR C 220 12.60 -3.74 -9.94
C THR C 220 13.97 -3.70 -9.28
N SER C 221 15.04 -3.53 -10.07
CA SER C 221 16.41 -3.51 -9.55
C SER C 221 16.65 -2.39 -8.56
N LEU C 222 16.22 -1.17 -8.89
CA LEU C 222 16.50 0.00 -8.03
C LEU C 222 15.65 -0.05 -6.75
N ILE C 223 14.42 -0.60 -6.82
CA ILE C 223 13.61 -0.75 -5.62
C ILE C 223 14.25 -1.83 -4.72
N ALA C 224 14.65 -2.98 -5.29
CA ALA C 224 15.28 -4.04 -4.52
C ALA C 224 16.58 -3.53 -3.85
N MET C 225 17.34 -2.67 -4.55
CA MET C 225 18.58 -2.12 -4.02
C MET C 225 18.42 -1.50 -2.65
N VAL C 226 17.34 -0.72 -2.46
CA VAL C 226 17.13 0.09 -1.25
C VAL C 226 16.08 -0.52 -0.30
N THR C 227 15.64 -1.77 -0.56
CA THR C 227 14.67 -2.44 0.33
C THR C 227 15.25 -3.75 0.88
N GLY C 228 16.54 -3.98 0.66
CA GLY C 228 17.23 -5.17 1.16
C GLY C 228 17.06 -6.42 0.31
N GLY C 229 16.37 -6.29 -0.83
CA GLY C 229 16.17 -7.43 -1.71
C GLY C 229 17.39 -7.74 -2.54
N HIS C 230 17.39 -8.93 -3.15
CA HIS C 230 18.48 -9.37 -4.04
C HIS C 230 17.97 -9.25 -5.46
N ILE C 231 18.89 -9.28 -6.46
CA ILE C 231 18.48 -8.99 -7.82
C ILE C 231 18.99 -10.00 -8.82
N ARG C 232 18.11 -10.38 -9.75
CA ARG C 232 18.45 -11.22 -10.89
C ARG C 232 18.45 -10.35 -12.16
N CYS C 233 19.41 -10.58 -13.05
CA CYS C 233 19.49 -9.89 -14.33
C CYS C 233 19.93 -10.91 -15.36
N GLY C 234 19.93 -10.53 -16.63
CA GLY C 234 20.43 -11.45 -17.64
C GLY C 234 19.55 -11.62 -18.85
N PHE C 235 20.16 -12.16 -19.91
CA PHE C 235 19.56 -12.37 -21.24
C PHE C 235 18.32 -13.20 -21.24
N GLU C 236 18.18 -14.10 -20.25
CA GLU C 236 16.98 -14.90 -20.14
C GLU C 236 15.75 -14.00 -19.95
N ASP C 237 15.93 -12.92 -19.18
CA ASP C 237 14.88 -11.98 -18.77
C ASP C 237 14.82 -10.71 -19.56
N ASN C 238 15.97 -10.23 -20.01
CA ASN C 238 16.06 -8.94 -20.69
C ASN C 238 17.35 -8.92 -21.53
N ILE C 239 17.22 -8.65 -22.83
CA ILE C 239 18.42 -8.62 -23.70
C ILE C 239 18.97 -7.19 -23.91
N PHE C 240 18.27 -6.19 -23.36
CA PHE C 240 18.64 -4.81 -23.64
C PHE C 240 19.35 -4.12 -22.49
N TYR C 241 20.36 -3.31 -22.81
CA TYR C 241 21.05 -2.52 -21.80
C TYR C 241 20.26 -1.24 -21.55
N HIS C 242 19.77 -0.62 -22.63
CA HIS C 242 18.84 0.51 -22.63
C HIS C 242 17.72 0.17 -23.60
N LYS C 243 16.58 0.89 -23.55
CA LYS C 243 15.47 0.66 -24.49
C LYS C 243 16.01 0.71 -25.93
N GLY C 244 15.79 -0.36 -26.67
CA GLY C 244 16.24 -0.49 -28.05
C GLY C 244 17.73 -0.67 -28.28
N VAL C 245 18.53 -0.82 -27.19
CA VAL C 245 19.98 -0.97 -27.26
C VAL C 245 20.36 -2.34 -26.69
N ILE C 246 20.69 -3.33 -27.56
CA ILE C 246 21.03 -4.67 -27.05
C ILE C 246 22.29 -4.62 -26.19
N ALA C 247 22.29 -5.38 -25.10
CA ALA C 247 23.46 -5.47 -24.22
C ALA C 247 24.57 -6.26 -24.90
N GLU C 248 25.82 -6.02 -24.49
CA GLU C 248 27.00 -6.66 -25.04
C GLU C 248 27.19 -8.07 -24.49
N SER C 249 26.74 -8.29 -23.26
CA SER C 249 26.92 -9.54 -22.53
C SER C 249 26.11 -9.51 -21.26
N ASN C 250 26.00 -10.68 -20.60
CA ASN C 250 25.34 -10.72 -19.29
C ASN C 250 26.18 -9.94 -18.28
N ALA C 251 27.52 -10.02 -18.39
CA ALA C 251 28.45 -9.31 -17.51
C ALA C 251 28.22 -7.79 -17.55
N GLN C 252 27.85 -7.24 -18.71
CA GLN C 252 27.57 -5.82 -18.82
C GLN C 252 26.37 -5.43 -17.92
N LEU C 253 25.31 -6.29 -17.89
CA LEU C 253 24.12 -6.03 -17.07
C LEU C 253 24.47 -6.16 -15.58
N VAL C 254 25.29 -7.16 -15.24
CA VAL C 254 25.72 -7.38 -13.85
C VAL C 254 26.54 -6.18 -13.37
N ALA C 255 27.51 -5.75 -14.20
CA ALA C 255 28.43 -4.66 -13.85
C ALA C 255 27.67 -3.37 -13.52
N ARG C 256 26.62 -3.05 -14.29
CA ARG C 256 25.82 -1.84 -13.99
C ARG C 256 25.24 -1.92 -12.58
N LEU C 257 24.65 -3.07 -12.22
CA LEU C 257 24.06 -3.23 -10.89
C LEU C 257 25.13 -3.11 -9.80
N ALA C 258 26.33 -3.70 -10.05
CA ALA C 258 27.43 -3.62 -9.10
C ALA C 258 27.90 -2.16 -8.95
N ARG C 259 27.96 -1.39 -10.06
CA ARG C 259 28.37 0.00 -9.99
C ARG C 259 27.36 0.82 -9.19
N ILE C 260 26.06 0.57 -9.39
CA ILE C 260 25.00 1.31 -8.67
C ILE C 260 25.10 0.96 -7.16
N ALA C 261 25.30 -0.33 -6.83
CA ALA C 261 25.49 -0.75 -5.44
C ALA C 261 26.69 -0.03 -4.82
N LYS C 262 27.80 0.09 -5.57
CA LYS C 262 29.00 0.79 -5.09
C LYS C 262 28.70 2.29 -4.86
N GLU C 263 27.96 2.90 -5.79
CA GLU C 263 27.58 4.32 -5.67
C GLU C 263 26.83 4.60 -4.36
N ILE C 264 25.85 3.74 -4.03
CA ILE C 264 24.98 3.96 -2.89
C ILE C 264 25.55 3.38 -1.58
N GLY C 265 26.66 2.66 -1.65
CA GLY C 265 27.28 2.09 -0.47
C GLY C 265 26.66 0.78 0.01
N ARG C 266 26.02 0.03 -0.89
CA ARG C 266 25.49 -1.28 -0.51
C ARG C 266 26.55 -2.30 -0.92
N PRO C 267 27.16 -3.03 0.02
CA PRO C 267 28.23 -3.96 -0.37
C PRO C 267 27.69 -5.17 -1.13
N LEU C 268 28.50 -5.68 -2.05
CA LEU C 268 28.17 -6.91 -2.75
C LEU C 268 28.55 -8.07 -1.86
N ALA C 269 27.69 -9.09 -1.81
CA ALA C 269 27.98 -10.27 -1.02
C ALA C 269 29.22 -10.98 -1.57
N THR C 270 30.09 -11.44 -0.68
CA THR C 270 31.21 -12.28 -1.07
C THR C 270 30.60 -13.66 -1.40
N PRO C 271 31.30 -14.59 -2.08
CA PRO C 271 30.74 -15.95 -2.25
C PRO C 271 30.34 -16.59 -0.92
N GLU C 272 31.16 -16.42 0.14
CA GLU C 272 30.89 -16.94 1.50
C GLU C 272 29.61 -16.31 2.08
N GLN C 273 29.42 -14.99 1.94
CA GLN C 273 28.23 -14.33 2.44
C GLN C 273 26.98 -14.76 1.67
N ALA C 274 27.11 -14.92 0.33
CA ALA C 274 25.99 -15.37 -0.50
C ALA C 274 25.54 -16.77 -0.06
N ARG C 275 26.50 -17.68 0.20
CA ARG C 275 26.17 -19.04 0.66
C ARG C 275 25.54 -19.00 2.06
N GLU C 276 25.98 -18.10 2.95
CA GLU C 276 25.41 -17.94 4.29
C GLU C 276 23.95 -17.45 4.22
N ILE C 277 23.72 -16.36 3.47
CA ILE C 277 22.39 -15.76 3.30
C ILE C 277 21.40 -16.77 2.71
N LEU C 278 21.83 -17.53 1.70
CA LEU C 278 20.97 -18.48 0.99
C LEU C 278 20.98 -19.86 1.65
N ALA C 279 21.69 -20.00 2.79
CA ALA C 279 21.81 -21.21 3.61
C ALA C 279 22.29 -22.42 2.79
N LEU C 280 23.34 -22.20 1.98
CA LEU C 280 23.95 -23.21 1.14
C LEU C 280 25.15 -23.86 1.84
N ASN C 281 25.48 -23.40 3.05
CA ASN C 281 26.59 -23.95 3.85
C ASN C 281 26.18 -25.28 4.48
N HIS D 5 -16.77 5.25 -1.95
CA HIS D 5 -17.79 6.07 -1.30
C HIS D 5 -19.01 5.21 -0.93
N HIS D 6 -19.45 5.27 0.35
CA HIS D 6 -20.57 4.47 0.89
C HIS D 6 -21.94 5.19 0.73
N HIS D 7 -22.12 5.85 -0.43
CA HIS D 7 -23.33 6.58 -0.81
C HIS D 7 -23.81 6.15 -2.21
N GLU D 8 -22.93 5.48 -2.97
CA GLU D 8 -23.18 4.99 -4.33
C GLU D 8 -24.00 3.67 -4.21
N PRO D 9 -24.99 3.34 -5.11
CA PRO D 9 -25.83 2.16 -4.86
C PRO D 9 -25.04 0.86 -4.83
N LEU D 10 -25.41 -0.04 -3.93
CA LEU D 10 -24.74 -1.32 -3.75
C LEU D 10 -25.50 -2.43 -4.48
N ILE D 11 -24.77 -3.17 -5.32
CA ILE D 11 -25.28 -4.34 -6.01
C ILE D 11 -24.81 -5.58 -5.26
N LEU D 12 -25.76 -6.39 -4.79
CA LEU D 12 -25.47 -7.66 -4.14
C LEU D 12 -25.73 -8.79 -5.10
N THR D 13 -24.75 -9.67 -5.28
CA THR D 13 -24.88 -10.87 -6.11
C THR D 13 -24.96 -12.08 -5.19
N ALA D 14 -25.90 -13.00 -5.45
CA ALA D 14 -26.01 -14.25 -4.71
C ALA D 14 -25.54 -15.39 -5.61
N ALA D 15 -24.39 -16.02 -5.25
CA ALA D 15 -23.82 -17.19 -5.96
C ALA D 15 -24.35 -18.38 -5.19
N ILE D 16 -25.57 -18.78 -5.56
CA ILE D 16 -26.39 -19.68 -4.76
C ILE D 16 -26.01 -21.15 -4.76
N THR D 17 -25.33 -21.66 -5.81
CA THR D 17 -25.12 -23.11 -5.90
C THR D 17 -23.66 -23.50 -6.15
N GLY D 18 -23.06 -22.93 -7.20
CA GLY D 18 -21.69 -23.25 -7.58
C GLY D 18 -21.49 -24.66 -8.08
N ALA D 19 -20.21 -25.06 -8.23
CA ALA D 19 -19.89 -26.40 -8.73
C ALA D 19 -19.19 -27.27 -7.69
N GLU D 20 -18.70 -26.67 -6.60
CA GLU D 20 -17.94 -27.44 -5.62
C GLU D 20 -18.71 -27.78 -4.37
N THR D 21 -19.49 -26.81 -3.84
CA THR D 21 -20.21 -27.01 -2.58
C THR D 21 -21.11 -28.25 -2.62
N THR D 22 -21.10 -29.03 -1.55
CA THR D 22 -21.92 -30.25 -1.50
C THR D 22 -23.01 -30.12 -0.48
N ARG D 23 -24.07 -30.90 -0.69
CA ARG D 23 -25.20 -31.02 0.24
C ARG D 23 -24.74 -31.60 1.57
N ALA D 24 -23.69 -32.47 1.56
CA ALA D 24 -23.14 -33.10 2.76
C ALA D 24 -22.62 -32.04 3.75
N ASP D 25 -21.97 -30.96 3.23
CA ASP D 25 -21.47 -29.86 4.06
C ASP D 25 -22.54 -28.80 4.30
N GLN D 26 -23.40 -28.53 3.30
CA GLN D 26 -24.42 -27.49 3.40
C GLN D 26 -25.76 -28.05 2.92
N PRO D 27 -26.54 -28.65 3.85
CA PRO D 27 -27.82 -29.29 3.46
C PRO D 27 -28.85 -28.35 2.83
N ASN D 28 -28.70 -27.05 3.02
CA ASN D 28 -29.61 -26.06 2.46
C ASN D 28 -29.20 -25.60 1.06
N LEU D 29 -28.19 -26.24 0.48
CA LEU D 29 -27.73 -25.89 -0.86
C LEU D 29 -28.85 -26.11 -1.91
N PRO D 30 -29.29 -25.07 -2.67
CA PRO D 30 -30.34 -25.30 -3.69
C PRO D 30 -29.70 -26.01 -4.89
N ILE D 31 -30.28 -27.13 -5.31
CA ILE D 31 -29.72 -27.97 -6.39
C ILE D 31 -30.64 -28.00 -7.62
N THR D 32 -31.95 -28.09 -7.39
CA THR D 32 -32.91 -28.18 -8.49
C THR D 32 -33.35 -26.78 -8.95
N PRO D 33 -33.86 -26.65 -10.20
CA PRO D 33 -34.39 -25.34 -10.64
C PRO D 33 -35.45 -24.75 -9.68
N GLU D 34 -36.33 -25.60 -9.11
CA GLU D 34 -37.37 -25.17 -8.19
C GLU D 34 -36.75 -24.61 -6.89
N GLU D 35 -35.72 -25.28 -6.36
CA GLU D 35 -35.02 -24.83 -5.15
C GLU D 35 -34.27 -23.54 -5.44
N GLN D 36 -33.68 -23.45 -6.62
CA GLN D 36 -32.91 -22.26 -7.04
C GLN D 36 -33.86 -21.07 -7.21
N ALA D 37 -35.07 -21.30 -7.76
CA ALA D 37 -36.09 -20.24 -7.91
C ALA D 37 -36.57 -19.73 -6.54
N LYS D 38 -36.83 -20.66 -5.59
CA LYS D 38 -37.29 -20.29 -4.24
C LYS D 38 -36.22 -19.47 -3.55
N GLU D 39 -34.95 -19.89 -3.71
CA GLU D 39 -33.81 -19.19 -3.13
C GLU D 39 -33.64 -17.82 -3.77
N ALA D 40 -33.76 -17.73 -5.11
CA ALA D 40 -33.60 -16.45 -5.83
C ALA D 40 -34.63 -15.44 -5.38
N LYS D 41 -35.90 -15.88 -5.19
CA LYS D 41 -36.96 -14.99 -4.72
C LYS D 41 -36.62 -14.46 -3.33
N ALA D 42 -36.24 -15.35 -2.40
CA ALA D 42 -35.88 -14.95 -1.02
C ALA D 42 -34.66 -14.02 -1.04
N CYS D 43 -33.67 -14.30 -1.91
CA CYS D 43 -32.47 -13.45 -2.04
C CYS D 43 -32.83 -12.06 -2.57
N PHE D 44 -33.70 -11.99 -3.58
CA PHE D 44 -34.13 -10.70 -4.14
C PHE D 44 -34.83 -9.86 -3.06
N GLU D 45 -35.72 -10.50 -2.29
CA GLU D 45 -36.48 -9.82 -1.22
C GLU D 45 -35.51 -9.33 -0.13
N ALA D 46 -34.39 -10.05 0.07
CA ALA D 46 -33.36 -9.71 1.06
C ALA D 46 -32.42 -8.61 0.54
N GLY D 47 -32.46 -8.30 -0.77
CA GLY D 47 -31.64 -7.24 -1.36
C GLY D 47 -30.77 -7.60 -2.54
N ALA D 48 -30.74 -8.87 -2.95
CA ALA D 48 -29.89 -9.27 -4.09
C ALA D 48 -30.48 -8.75 -5.40
N ARG D 49 -29.59 -8.33 -6.33
CA ARG D 49 -30.05 -7.84 -7.63
C ARG D 49 -29.50 -8.70 -8.75
N VAL D 50 -28.58 -9.61 -8.44
CA VAL D 50 -27.96 -10.54 -9.41
C VAL D 50 -27.92 -11.94 -8.80
N ILE D 51 -28.22 -12.97 -9.62
CA ILE D 51 -28.02 -14.37 -9.23
C ILE D 51 -26.88 -14.87 -10.12
N HIS D 52 -25.82 -15.37 -9.50
CA HIS D 52 -24.71 -16.02 -10.24
C HIS D 52 -25.08 -17.48 -10.26
N LEU D 53 -25.35 -17.99 -11.46
CA LEU D 53 -25.94 -19.31 -11.60
C LEU D 53 -25.05 -20.40 -12.19
N HIS D 54 -24.91 -21.48 -11.41
CA HIS D 54 -24.43 -22.80 -11.84
C HIS D 54 -25.62 -23.72 -11.72
N ILE D 55 -25.67 -24.77 -12.52
CA ILE D 55 -26.77 -25.72 -12.40
C ILE D 55 -26.20 -27.08 -11.99
N ARG D 56 -27.07 -27.93 -11.44
CA ARG D 56 -26.73 -29.27 -11.01
C ARG D 56 -27.76 -30.25 -11.48
N GLU D 57 -27.36 -31.51 -11.59
CA GLU D 57 -28.32 -32.60 -11.82
C GLU D 57 -29.02 -32.84 -10.48
N ASP D 58 -30.13 -33.61 -10.46
CA ASP D 58 -30.86 -33.87 -9.21
C ASP D 58 -30.00 -34.55 -8.12
N ASP D 59 -28.95 -35.29 -8.53
CA ASP D 59 -28.06 -35.97 -7.60
C ASP D 59 -26.93 -35.03 -7.09
N GLY D 60 -26.94 -33.77 -7.50
CA GLY D 60 -25.94 -32.81 -7.06
C GLY D 60 -24.71 -32.68 -7.93
N ARG D 61 -24.58 -33.52 -8.99
CA ARG D 61 -23.41 -33.39 -9.86
C ARG D 61 -23.47 -32.10 -10.68
N PRO D 62 -22.35 -31.38 -10.88
CA PRO D 62 -22.40 -30.16 -11.73
C PRO D 62 -22.86 -30.48 -13.14
N SER D 63 -23.58 -29.55 -13.76
CA SER D 63 -24.12 -29.79 -15.09
C SER D 63 -23.82 -28.63 -16.03
N GLN D 64 -23.78 -28.95 -17.34
CA GLN D 64 -23.62 -27.94 -18.40
C GLN D 64 -24.76 -28.07 -19.42
N ARG D 65 -25.80 -28.86 -19.06
CA ARG D 65 -26.97 -29.08 -19.94
C ARG D 65 -27.73 -27.80 -20.22
N LEU D 66 -27.96 -27.48 -21.51
CA LEU D 66 -28.69 -26.28 -21.88
C LEU D 66 -30.15 -26.33 -21.43
N ASP D 67 -30.81 -27.52 -21.41
CA ASP D 67 -32.22 -27.58 -20.97
C ASP D 67 -32.31 -27.31 -19.47
N ARG D 68 -31.29 -27.77 -18.74
CA ARG D 68 -31.27 -27.59 -17.30
C ARG D 68 -31.02 -26.10 -17.00
N PHE D 69 -30.14 -25.43 -17.78
CA PHE D 69 -29.94 -23.99 -17.60
C PHE D 69 -31.24 -23.24 -17.93
N GLN D 70 -31.93 -23.63 -19.03
CA GLN D 70 -33.19 -22.97 -19.41
C GLN D 70 -34.25 -23.17 -18.32
N GLU D 71 -34.31 -24.35 -17.71
CA GLU D 71 -35.28 -24.66 -16.67
C GLU D 71 -35.06 -23.79 -15.46
N ALA D 72 -33.79 -23.64 -15.04
CA ALA D 72 -33.44 -22.83 -13.89
C ALA D 72 -33.73 -21.36 -14.19
N ILE D 73 -33.33 -20.86 -15.38
CA ILE D 73 -33.55 -19.45 -15.78
C ILE D 73 -35.06 -19.15 -15.80
N SER D 74 -35.89 -20.02 -16.43
CA SER D 74 -37.34 -19.84 -16.51
C SER D 74 -37.98 -19.87 -15.12
N ALA D 75 -37.57 -20.82 -14.24
CA ALA D 75 -38.12 -20.96 -12.89
C ALA D 75 -37.84 -19.69 -12.07
N ILE D 76 -36.62 -19.15 -12.16
CA ILE D 76 -36.23 -17.92 -11.45
C ILE D 76 -37.02 -16.73 -12.03
N ARG D 77 -37.09 -16.59 -13.38
CA ARG D 77 -37.81 -15.49 -14.04
C ARG D 77 -39.31 -15.47 -13.66
N GLU D 78 -39.93 -16.65 -13.49
CA GLU D 78 -41.34 -16.85 -13.10
C GLU D 78 -41.69 -16.20 -11.76
N VAL D 79 -40.76 -16.27 -10.79
CA VAL D 79 -41.07 -15.76 -9.44
C VAL D 79 -40.36 -14.43 -9.15
N VAL D 80 -39.28 -14.11 -9.88
CA VAL D 80 -38.57 -12.85 -9.65
C VAL D 80 -38.03 -12.32 -11.00
N PRO D 81 -38.94 -11.79 -11.88
CA PRO D 81 -38.48 -11.35 -13.22
C PRO D 81 -37.52 -10.15 -13.21
N GLU D 82 -37.47 -9.39 -12.11
CA GLU D 82 -36.57 -8.22 -12.05
C GLU D 82 -35.12 -8.60 -11.77
N ILE D 83 -34.84 -9.78 -11.20
CA ILE D 83 -33.45 -10.13 -10.88
C ILE D 83 -32.63 -10.36 -12.17
N ILE D 84 -31.34 -10.05 -12.10
CA ILE D 84 -30.42 -10.28 -13.22
C ILE D 84 -29.89 -11.69 -13.08
N ILE D 85 -30.06 -12.52 -14.13
CA ILE D 85 -29.55 -13.90 -14.07
C ILE D 85 -28.23 -13.95 -14.84
N GLN D 86 -27.14 -14.17 -14.10
CA GLN D 86 -25.79 -14.24 -14.65
C GLN D 86 -25.33 -15.69 -14.71
N ILE D 87 -25.14 -16.22 -15.91
CA ILE D 87 -24.73 -17.63 -16.08
C ILE D 87 -23.23 -17.78 -15.84
N SER D 88 -22.78 -18.89 -15.24
CA SER D 88 -21.36 -19.13 -15.12
C SER D 88 -20.82 -19.79 -16.40
N THR D 89 -19.68 -19.28 -16.94
CA THR D 89 -18.97 -20.01 -18.02
C THR D 89 -17.75 -20.72 -17.41
N GLY D 90 -17.63 -20.65 -16.08
CA GLY D 90 -16.55 -21.31 -15.34
C GLY D 90 -16.86 -22.78 -15.16
N GLY D 91 -18.07 -23.08 -14.70
CA GLY D 91 -18.49 -24.46 -14.46
C GLY D 91 -17.61 -25.17 -13.45
N ALA D 92 -17.55 -26.51 -13.57
CA ALA D 92 -16.72 -27.33 -12.68
C ALA D 92 -15.29 -27.42 -13.23
N VAL D 93 -14.29 -27.47 -12.34
CA VAL D 93 -12.89 -27.58 -12.76
C VAL D 93 -12.74 -28.86 -13.61
N GLY D 94 -12.07 -28.73 -14.75
CA GLY D 94 -11.86 -29.87 -15.64
C GLY D 94 -12.92 -30.04 -16.71
N GLU D 95 -14.02 -29.24 -16.66
CA GLU D 95 -15.08 -29.34 -17.68
C GLU D 95 -14.51 -28.91 -19.05
N SER D 96 -15.01 -29.51 -20.16
CA SER D 96 -14.49 -29.12 -21.49
C SER D 96 -14.88 -27.67 -21.80
N PHE D 97 -13.99 -26.95 -22.52
CA PHE D 97 -14.24 -25.54 -22.82
C PHE D 97 -15.48 -25.39 -23.72
N ASP D 98 -15.71 -26.35 -24.64
CA ASP D 98 -16.89 -26.35 -25.51
C ASP D 98 -18.19 -26.33 -24.69
N LYS D 99 -18.26 -27.20 -23.67
CA LYS D 99 -19.45 -27.29 -22.81
C LYS D 99 -19.60 -26.04 -21.95
N ARG D 100 -18.48 -25.38 -21.58
CA ARG D 100 -18.50 -24.17 -20.77
C ARG D 100 -19.02 -22.96 -21.57
N LEU D 101 -18.67 -22.92 -22.86
CA LEU D 101 -19.02 -21.80 -23.75
C LEU D 101 -20.49 -21.90 -24.26
N ALA D 102 -20.95 -23.11 -24.64
CA ALA D 102 -22.27 -23.38 -25.24
C ALA D 102 -23.49 -22.66 -24.58
N PRO D 103 -23.62 -22.54 -23.21
CA PRO D 103 -24.82 -21.88 -22.67
C PRO D 103 -24.94 -20.39 -23.03
N LEU D 104 -23.88 -19.78 -23.58
CA LEU D 104 -23.97 -18.38 -24.03
C LEU D 104 -25.05 -18.26 -25.12
N ALA D 105 -25.33 -19.37 -25.85
CA ALA D 105 -26.36 -19.44 -26.91
C ALA D 105 -27.78 -19.18 -26.37
N LEU D 106 -27.96 -19.28 -25.03
CA LEU D 106 -29.23 -19.00 -24.38
C LEU D 106 -29.45 -17.49 -24.25
N LYS D 107 -28.45 -16.69 -24.67
CA LYS D 107 -28.49 -15.21 -24.65
C LYS D 107 -28.90 -14.69 -23.25
N PRO D 108 -28.17 -15.06 -22.19
CA PRO D 108 -28.48 -14.47 -20.86
C PRO D 108 -28.12 -12.98 -20.88
N GLU D 109 -28.59 -12.18 -19.92
CA GLU D 109 -28.22 -10.76 -19.87
C GLU D 109 -26.73 -10.61 -19.59
N MET D 110 -26.20 -11.53 -18.78
CA MET D 110 -24.84 -11.47 -18.33
C MET D 110 -24.29 -12.87 -18.11
N ALA D 111 -22.96 -13.02 -18.20
CA ALA D 111 -22.28 -14.29 -17.94
C ALA D 111 -20.85 -14.00 -17.50
N THR D 112 -20.25 -14.91 -16.74
CA THR D 112 -18.87 -14.71 -16.29
C THR D 112 -17.88 -15.07 -17.40
N LEU D 113 -16.71 -14.43 -17.36
CA LEU D 113 -15.62 -14.64 -18.31
C LEU D 113 -14.36 -14.74 -17.48
N ASN D 114 -13.81 -15.95 -17.31
CA ASN D 114 -12.62 -16.15 -16.47
C ASN D 114 -11.37 -15.71 -17.24
N ALA D 115 -10.57 -14.85 -16.60
CA ALA D 115 -9.45 -14.12 -17.24
C ALA D 115 -8.06 -14.79 -17.15
N GLY D 116 -7.97 -16.00 -16.64
CA GLY D 116 -6.67 -16.65 -16.54
C GLY D 116 -6.75 -18.02 -15.92
N THR D 117 -5.62 -18.73 -15.94
CA THR D 117 -5.47 -20.05 -15.38
C THR D 117 -4.86 -19.97 -13.98
N LEU D 118 -5.28 -20.86 -13.09
CA LEU D 118 -4.64 -20.92 -11.76
C LEU D 118 -4.84 -22.31 -11.19
N ASN D 119 -3.87 -22.73 -10.37
CA ASN D 119 -4.02 -23.92 -9.53
C ASN D 119 -5.22 -23.64 -8.65
N PHE D 120 -6.10 -24.64 -8.47
CA PHE D 120 -7.38 -24.46 -7.78
C PHE D 120 -7.55 -25.68 -6.90
N GLY D 121 -7.25 -25.54 -5.61
CA GLY D 121 -7.25 -26.66 -4.68
C GLY D 121 -6.17 -27.64 -5.12
N ASP D 122 -6.54 -28.92 -5.30
CA ASP D 122 -5.61 -29.96 -5.73
C ASP D 122 -5.50 -30.08 -7.26
N ASP D 123 -6.27 -29.27 -7.99
CA ASP D 123 -6.34 -29.35 -9.45
C ASP D 123 -5.92 -28.02 -10.09
N ILE D 124 -6.23 -27.85 -11.38
CA ILE D 124 -5.94 -26.60 -12.11
C ILE D 124 -7.20 -26.15 -12.83
N PHE D 125 -7.58 -24.88 -12.64
CA PHE D 125 -8.69 -24.28 -13.38
C PHE D 125 -8.07 -23.66 -14.63
N ILE D 126 -8.27 -24.32 -15.78
CA ILE D 126 -7.61 -23.94 -17.03
C ILE D 126 -8.43 -22.98 -17.87
N ASN D 127 -7.77 -21.89 -18.30
CA ASN D 127 -8.34 -20.92 -19.23
C ASN D 127 -7.23 -20.54 -20.19
N HIS D 128 -6.98 -21.43 -21.16
CA HIS D 128 -5.92 -21.21 -22.15
C HIS D 128 -6.11 -19.85 -22.86
N PRO D 129 -5.02 -19.07 -23.10
CA PRO D 129 -5.19 -17.76 -23.78
C PRO D 129 -6.05 -17.82 -25.07
N ALA D 130 -5.92 -18.88 -25.91
CA ALA D 130 -6.71 -19.01 -27.15
C ALA D 130 -8.21 -19.22 -26.85
N ASP D 131 -8.51 -19.93 -25.75
CA ASP D 131 -9.89 -20.19 -25.32
C ASP D 131 -10.51 -18.93 -24.71
N ILE D 132 -9.73 -18.11 -23.98
CA ILE D 132 -10.23 -16.82 -23.45
C ILE D 132 -10.67 -15.95 -24.64
N ILE D 133 -9.87 -15.91 -25.72
CA ILE D 133 -10.21 -15.15 -26.93
C ILE D 133 -11.48 -15.73 -27.59
N ARG D 134 -11.55 -17.07 -27.75
CA ARG D 134 -12.73 -17.75 -28.31
C ARG D 134 -14.01 -17.39 -27.52
N LEU D 135 -13.90 -17.40 -26.18
CA LEU D 135 -15.02 -17.08 -25.30
C LEU D 135 -15.42 -15.60 -25.46
N ALA D 136 -14.44 -14.66 -25.52
CA ALA D 136 -14.73 -13.23 -25.69
C ALA D 136 -15.47 -13.00 -27.03
N GLU D 137 -15.11 -13.78 -28.07
CA GLU D 137 -15.77 -13.67 -29.37
C GLU D 137 -17.22 -14.20 -29.27
N ALA D 138 -17.45 -15.30 -28.51
CA ALA D 138 -18.79 -15.86 -28.30
C ALA D 138 -19.70 -14.88 -27.51
N PHE D 139 -19.14 -14.16 -26.51
CA PHE D 139 -19.93 -13.15 -25.78
C PHE D 139 -20.52 -12.14 -26.77
N LYS D 140 -19.69 -11.67 -27.73
CA LYS D 140 -20.11 -10.68 -28.73
C LYS D 140 -21.09 -11.28 -29.73
N GLN D 141 -20.86 -12.53 -30.16
CA GLN D 141 -21.76 -13.22 -31.07
C GLN D 141 -23.20 -13.28 -30.51
N TYR D 142 -23.35 -13.54 -29.20
CA TYR D 142 -24.65 -13.71 -28.54
C TYR D 142 -25.11 -12.46 -27.77
N ASN D 143 -24.37 -11.34 -27.92
CA ASN D 143 -24.67 -10.03 -27.31
C ASN D 143 -24.89 -10.15 -25.78
N VAL D 144 -23.96 -10.84 -25.12
CA VAL D 144 -23.98 -11.06 -23.67
C VAL D 144 -22.94 -10.12 -23.03
N VAL D 145 -23.31 -9.45 -21.92
CA VAL D 145 -22.36 -8.58 -21.22
C VAL D 145 -21.51 -9.48 -20.29
N PRO D 146 -20.18 -9.36 -20.31
CA PRO D 146 -19.38 -10.17 -19.39
C PRO D 146 -19.19 -9.56 -18.01
N GLU D 147 -19.00 -10.45 -17.03
CA GLU D 147 -18.42 -10.15 -15.74
C GLU D 147 -17.06 -10.83 -15.79
N VAL D 148 -15.97 -10.06 -15.81
CA VAL D 148 -14.63 -10.63 -15.97
C VAL D 148 -14.07 -11.01 -14.61
N GLU D 149 -13.82 -12.31 -14.40
CA GLU D 149 -13.32 -12.83 -13.13
C GLU D 149 -11.82 -12.80 -13.07
N VAL D 150 -11.29 -12.14 -12.03
CA VAL D 150 -9.82 -12.08 -11.82
C VAL D 150 -9.49 -12.64 -10.46
N TYR D 151 -8.45 -13.49 -10.41
CA TYR D 151 -8.04 -14.19 -9.19
C TYR D 151 -6.67 -13.76 -8.73
N GLU D 152 -5.96 -12.96 -9.54
CA GLU D 152 -4.58 -12.53 -9.30
C GLU D 152 -4.32 -11.21 -10.00
N SER D 153 -3.31 -10.47 -9.52
CA SER D 153 -2.91 -9.19 -10.11
C SER D 153 -2.68 -9.27 -11.64
N GLY D 154 -1.91 -10.27 -12.07
CA GLY D 154 -1.55 -10.43 -13.48
C GLY D 154 -2.72 -10.62 -14.41
N MET D 155 -3.88 -11.06 -13.88
CA MET D 155 -5.08 -11.22 -14.72
C MET D 155 -5.65 -9.88 -15.09
N VAL D 156 -5.47 -8.86 -14.24
CA VAL D 156 -5.92 -7.49 -14.57
C VAL D 156 -5.12 -7.01 -15.81
N ASP D 157 -3.76 -7.19 -15.79
CA ASP D 157 -2.92 -6.79 -16.91
C ASP D 157 -3.30 -7.54 -18.18
N ALA D 158 -3.60 -8.87 -18.06
CA ALA D 158 -3.97 -9.70 -19.20
C ALA D 158 -5.27 -9.15 -19.82
N VAL D 159 -6.24 -8.75 -18.99
CA VAL D 159 -7.50 -8.15 -19.46
C VAL D 159 -7.21 -6.79 -20.14
N ALA D 160 -6.33 -5.96 -19.53
CA ALA D 160 -5.96 -4.66 -20.15
C ALA D 160 -5.35 -4.87 -21.55
N ARG D 161 -4.57 -5.96 -21.73
CA ARG D 161 -4.01 -6.26 -23.04
C ARG D 161 -5.09 -6.69 -24.02
N LEU D 162 -6.08 -7.48 -23.57
CA LEU D 162 -7.19 -7.89 -24.46
C LEU D 162 -8.01 -6.66 -24.88
N ILE D 163 -8.13 -5.65 -24.01
CA ILE D 163 -8.83 -4.39 -24.34
C ILE D 163 -8.02 -3.64 -25.42
N LYS D 164 -6.69 -3.54 -25.22
CA LYS D 164 -5.79 -2.84 -26.15
C LYS D 164 -5.81 -3.50 -27.53
N LYS D 165 -5.92 -4.84 -27.59
CA LYS D 165 -5.94 -5.62 -28.82
C LYS D 165 -7.33 -5.62 -29.48
N GLY D 166 -8.30 -4.96 -28.84
CA GLY D 166 -9.66 -4.88 -29.36
C GLY D 166 -10.47 -6.16 -29.23
N ILE D 167 -10.03 -7.10 -28.36
CA ILE D 167 -10.71 -8.38 -28.13
C ILE D 167 -11.83 -8.21 -27.10
N ILE D 168 -11.61 -7.39 -26.06
CA ILE D 168 -12.65 -7.03 -25.11
C ILE D 168 -12.99 -5.57 -25.40
N THR D 169 -14.23 -5.33 -25.87
CA THR D 169 -14.69 -3.98 -26.25
C THR D 169 -15.78 -3.47 -25.30
N GLN D 170 -16.23 -4.31 -24.35
CA GLN D 170 -17.25 -3.91 -23.37
C GLN D 170 -16.78 -2.66 -22.62
N ASN D 171 -17.60 -1.61 -22.62
CA ASN D 171 -17.25 -0.35 -21.95
C ASN D 171 -18.52 0.26 -21.35
N PRO D 172 -18.61 0.45 -20.01
CA PRO D 172 -17.62 0.10 -18.96
C PRO D 172 -17.54 -1.40 -18.79
N LEU D 173 -16.39 -1.86 -18.32
CA LEU D 173 -16.20 -3.29 -18.08
C LEU D 173 -16.37 -3.59 -16.60
N HIS D 174 -17.07 -4.67 -16.26
CA HIS D 174 -17.27 -5.06 -14.86
C HIS D 174 -16.33 -6.19 -14.52
N ILE D 175 -15.49 -5.97 -13.51
CA ILE D 175 -14.49 -6.91 -13.02
C ILE D 175 -14.93 -7.45 -11.68
N GLN D 176 -14.80 -8.75 -11.49
CA GLN D 176 -15.04 -9.31 -10.18
C GLN D 176 -13.74 -9.88 -9.62
N PHE D 177 -13.33 -9.39 -8.44
CA PHE D 177 -12.16 -9.96 -7.77
C PHE D 177 -12.62 -11.19 -7.02
N VAL D 178 -12.08 -12.37 -7.37
CA VAL D 178 -12.46 -13.61 -6.65
C VAL D 178 -11.29 -13.95 -5.75
N LEU D 179 -11.45 -13.65 -4.46
CA LEU D 179 -10.35 -13.75 -3.50
C LEU D 179 -10.60 -14.83 -2.46
N GLY D 180 -9.54 -15.57 -2.15
CA GLY D 180 -9.64 -16.66 -1.18
C GLY D 180 -9.62 -18.06 -1.77
N VAL D 181 -9.46 -18.21 -3.10
CA VAL D 181 -9.36 -19.56 -3.68
C VAL D 181 -8.02 -20.18 -3.24
N PRO D 182 -7.92 -21.47 -2.82
CA PRO D 182 -6.56 -22.03 -2.54
C PRO D 182 -5.82 -22.17 -3.88
N GLY D 183 -4.84 -21.30 -4.09
CA GLY D 183 -4.11 -21.20 -5.34
C GLY D 183 -4.19 -19.79 -5.90
N GLY D 184 -5.19 -19.02 -5.45
CA GLY D 184 -5.36 -17.65 -5.91
C GLY D 184 -5.04 -16.64 -4.82
N MET D 185 -5.19 -15.34 -5.15
CA MET D 185 -4.95 -14.27 -4.17
C MET D 185 -5.96 -14.38 -3.02
N SER D 186 -5.52 -14.21 -1.76
CA SER D 186 -6.45 -14.27 -0.61
C SER D 186 -7.30 -13.00 -0.49
N GLY D 187 -8.31 -13.05 0.37
CA GLY D 187 -9.20 -11.93 0.60
C GLY D 187 -8.81 -11.02 1.75
N LYS D 188 -7.53 -11.07 2.19
CA LYS D 188 -7.12 -10.18 3.28
C LYS D 188 -7.29 -8.72 2.86
N PRO D 189 -7.65 -7.84 3.82
CA PRO D 189 -7.85 -6.42 3.48
C PRO D 189 -6.74 -5.79 2.62
N LYS D 190 -5.45 -6.05 2.91
CA LYS D 190 -4.35 -5.50 2.12
C LYS D 190 -4.52 -5.84 0.62
N ASN D 191 -4.95 -7.08 0.33
CA ASN D 191 -5.11 -7.57 -1.04
C ASN D 191 -6.26 -6.88 -1.76
N LEU D 192 -7.40 -6.70 -1.09
CA LEU D 192 -8.55 -6.04 -1.74
C LEU D 192 -8.22 -4.59 -2.02
N MET D 193 -7.54 -3.92 -1.08
CA MET D 193 -7.14 -2.52 -1.28
C MET D 193 -6.16 -2.44 -2.45
N TYR D 194 -5.20 -3.35 -2.49
CA TYR D 194 -4.24 -3.39 -3.60
C TYR D 194 -5.00 -3.59 -4.94
N MET D 195 -5.90 -4.57 -5.00
CA MET D 195 -6.59 -4.89 -6.26
C MET D 195 -7.43 -3.72 -6.81
N MET D 196 -8.19 -3.03 -5.94
CA MET D 196 -9.00 -1.91 -6.46
C MET D 196 -8.13 -0.79 -6.99
N GLU D 197 -6.98 -0.56 -6.34
CA GLU D 197 -6.05 0.49 -6.76
C GLU D 197 -5.33 0.08 -8.05
N HIS D 198 -4.92 -1.20 -8.13
CA HIS D 198 -4.27 -1.77 -9.32
C HIS D 198 -5.23 -1.67 -10.52
N LEU D 199 -6.51 -2.02 -10.30
CA LEU D 199 -7.52 -1.96 -11.36
C LEU D 199 -7.72 -0.51 -11.82
N LYS D 200 -7.79 0.44 -10.87
CA LYS D 200 -7.96 1.87 -11.19
C LYS D 200 -6.77 2.35 -12.07
N GLU D 201 -5.56 1.84 -11.80
CA GLU D 201 -4.38 2.24 -12.57
C GLU D 201 -4.41 1.65 -13.99
N GLU D 202 -4.79 0.35 -14.12
CA GLU D 202 -4.70 -0.37 -15.40
C GLU D 202 -5.94 -0.26 -16.29
N ILE D 203 -7.15 -0.23 -15.68
CA ILE D 203 -8.43 -0.14 -16.43
C ILE D 203 -9.28 0.92 -15.67
N PRO D 204 -8.96 2.23 -15.86
CA PRO D 204 -9.59 3.28 -15.02
C PRO D 204 -11.11 3.37 -15.02
N THR D 205 -11.77 3.00 -16.12
CA THR D 205 -13.24 3.11 -16.15
C THR D 205 -13.95 1.83 -15.71
N ALA D 206 -13.21 0.75 -15.35
CA ALA D 206 -13.86 -0.50 -14.94
C ALA D 206 -14.58 -0.33 -13.61
N THR D 207 -15.71 -1.03 -13.48
CA THR D 207 -16.43 -1.12 -12.20
C THR D 207 -15.98 -2.42 -11.57
N TRP D 208 -16.22 -2.63 -10.27
CA TRP D 208 -15.76 -3.88 -9.67
C TRP D 208 -16.66 -4.39 -8.55
N ALA D 209 -16.55 -5.68 -8.32
CA ALA D 209 -17.21 -6.42 -7.25
C ALA D 209 -16.18 -7.34 -6.62
N VAL D 210 -16.49 -7.87 -5.44
CA VAL D 210 -15.58 -8.81 -4.79
C VAL D 210 -16.36 -10.00 -4.27
N ALA D 211 -15.75 -11.17 -4.42
CA ALA D 211 -16.25 -12.43 -3.84
C ALA D 211 -15.16 -12.89 -2.89
N GLY D 212 -15.50 -13.01 -1.61
CA GLY D 212 -14.56 -13.47 -0.60
C GLY D 212 -14.89 -14.89 -0.22
N ILE D 213 -14.06 -15.84 -0.66
CA ILE D 213 -14.32 -17.25 -0.39
C ILE D 213 -14.10 -17.56 1.08
N GLY D 214 -14.97 -18.42 1.63
CA GLY D 214 -14.89 -18.88 3.01
C GLY D 214 -14.69 -17.78 4.03
N ARG D 215 -13.60 -17.88 4.80
CA ARG D 215 -13.25 -16.95 5.88
C ARG D 215 -13.10 -15.50 5.39
N TRP D 216 -12.90 -15.30 4.09
CA TRP D 216 -12.69 -13.94 3.56
C TRP D 216 -13.98 -13.22 3.23
N HIS D 217 -15.15 -13.88 3.39
CA HIS D 217 -16.42 -13.23 3.05
C HIS D 217 -16.63 -11.91 3.83
N ILE D 218 -16.49 -11.94 5.16
CA ILE D 218 -16.73 -10.73 5.96
C ILE D 218 -15.67 -9.62 5.68
N PRO D 219 -14.35 -9.87 5.73
CA PRO D 219 -13.40 -8.77 5.45
C PRO D 219 -13.58 -8.15 4.06
N THR D 220 -13.79 -8.97 3.01
CA THR D 220 -13.96 -8.39 1.66
C THR D 220 -15.26 -7.57 1.59
N SER D 221 -16.35 -8.08 2.19
CA SER D 221 -17.64 -7.40 2.15
C SER D 221 -17.60 -6.02 2.81
N LEU D 222 -17.02 -5.93 4.00
CA LEU D 222 -17.01 -4.67 4.74
C LEU D 222 -16.07 -3.63 4.10
N ILE D 223 -14.97 -4.08 3.50
CA ILE D 223 -14.09 -3.15 2.78
C ILE D 223 -14.80 -2.65 1.51
N ALA D 224 -15.42 -3.57 0.74
CA ALA D 224 -16.16 -3.17 -0.48
C ALA D 224 -17.28 -2.19 -0.14
N MET D 225 -17.94 -2.38 1.02
CA MET D 225 -19.03 -1.50 1.45
C MET D 225 -18.65 -0.04 1.45
N VAL D 226 -17.43 0.26 1.97
CA VAL D 226 -16.98 1.63 2.16
C VAL D 226 -16.00 2.14 1.08
N THR D 227 -15.77 1.36 0.04
CA THR D 227 -14.88 1.76 -1.04
C THR D 227 -15.63 1.85 -2.39
N GLY D 228 -16.95 1.76 -2.35
CA GLY D 228 -17.77 1.84 -3.56
C GLY D 228 -17.88 0.56 -4.38
N GLY D 229 -17.28 -0.52 -3.89
CA GLY D 229 -17.33 -1.79 -4.62
C GLY D 229 -18.66 -2.49 -4.43
N HIS D 230 -18.92 -3.50 -5.28
CA HIS D 230 -20.12 -4.32 -5.20
C HIS D 230 -19.73 -5.66 -4.58
N ILE D 231 -20.71 -6.44 -4.10
CA ILE D 231 -20.37 -7.63 -3.32
C ILE D 231 -21.12 -8.86 -3.77
N ARG D 232 -20.40 -9.98 -3.85
CA ARG D 232 -20.96 -11.29 -4.10
C ARG D 232 -20.90 -12.11 -2.81
N CYS D 233 -21.98 -12.83 -2.52
CA CYS D 233 -22.04 -13.74 -1.37
C CYS D 233 -22.69 -15.02 -1.84
N GLY D 234 -22.73 -16.03 -0.98
CA GLY D 234 -23.46 -17.23 -1.33
C GLY D 234 -22.73 -18.52 -1.09
N PHE D 235 -23.49 -19.61 -1.11
CA PHE D 235 -23.05 -20.98 -0.80
C PHE D 235 -21.97 -21.47 -1.74
N GLU D 236 -21.92 -20.94 -2.97
CA GLU D 236 -20.85 -21.31 -3.92
C GLU D 236 -19.49 -20.97 -3.32
N ASP D 237 -19.45 -19.83 -2.61
CA ASP D 237 -18.22 -19.26 -2.06
C ASP D 237 -18.02 -19.51 -0.57
N ASN D 238 -19.11 -19.56 0.19
CA ASN D 238 -19.03 -19.66 1.64
C ASN D 238 -20.33 -20.23 2.19
N ILE D 239 -20.23 -21.30 2.98
CA ILE D 239 -21.42 -21.93 3.53
C ILE D 239 -21.70 -21.50 4.99
N PHE D 240 -20.77 -20.75 5.62
CA PHE D 240 -20.93 -20.40 7.04
C PHE D 240 -21.54 -19.02 7.26
N TYR D 241 -22.46 -18.92 8.24
CA TYR D 241 -22.99 -17.61 8.62
C TYR D 241 -22.02 -16.99 9.61
N HIS D 242 -21.60 -17.79 10.59
CA HIS D 242 -20.58 -17.43 11.57
C HIS D 242 -19.58 -18.57 11.61
N LYS D 243 -18.39 -18.36 12.22
CA LYS D 243 -17.38 -19.40 12.30
C LYS D 243 -18.00 -20.67 12.92
N GLY D 244 -17.93 -21.77 12.18
CA GLY D 244 -18.46 -23.06 12.64
C GLY D 244 -19.96 -23.22 12.57
N VAL D 245 -20.71 -22.18 12.13
CA VAL D 245 -22.17 -22.27 12.04
C VAL D 245 -22.59 -22.22 10.57
N ILE D 246 -22.96 -23.38 9.96
CA ILE D 246 -23.38 -23.33 8.56
C ILE D 246 -24.73 -22.59 8.47
N ALA D 247 -24.83 -21.74 7.46
CA ALA D 247 -25.95 -20.83 7.21
C ALA D 247 -27.23 -21.59 6.84
N GLU D 248 -28.35 -20.96 7.14
CA GLU D 248 -29.68 -21.47 6.86
C GLU D 248 -30.01 -21.39 5.36
N SER D 249 -29.58 -20.31 4.67
CA SER D 249 -29.92 -20.09 3.26
C SER D 249 -29.02 -19.05 2.66
N ASN D 250 -29.02 -18.93 1.31
CA ASN D 250 -28.29 -17.85 0.67
C ASN D 250 -28.92 -16.53 1.09
N ALA D 251 -30.26 -16.48 1.20
CA ALA D 251 -30.99 -15.26 1.60
C ALA D 251 -30.51 -14.74 2.94
N GLN D 252 -30.18 -15.65 3.89
CA GLN D 252 -29.67 -15.25 5.21
C GLN D 252 -28.35 -14.46 5.05
N LEU D 253 -27.47 -14.89 4.12
CA LEU D 253 -26.19 -14.19 3.86
C LEU D 253 -26.44 -12.84 3.20
N VAL D 254 -27.37 -12.80 2.23
CA VAL D 254 -27.71 -11.54 1.54
C VAL D 254 -28.30 -10.54 2.54
N ALA D 255 -29.28 -10.98 3.35
CA ALA D 255 -29.98 -10.14 4.33
C ALA D 255 -29.00 -9.45 5.29
N ARG D 256 -27.96 -10.19 5.77
CA ARG D 256 -26.97 -9.56 6.65
C ARG D 256 -26.29 -8.38 5.94
N LEU D 257 -25.85 -8.56 4.69
CA LEU D 257 -25.19 -7.51 3.93
C LEU D 257 -26.15 -6.32 3.73
N ALA D 258 -27.43 -6.60 3.43
CA ALA D 258 -28.43 -5.54 3.25
C ALA D 258 -28.63 -4.78 4.58
N ARG D 259 -28.67 -5.49 5.72
CA ARG D 259 -28.84 -4.82 7.01
C ARG D 259 -27.63 -3.92 7.31
N ILE D 260 -26.40 -4.38 7.01
CA ILE D 260 -25.18 -3.58 7.23
C ILE D 260 -25.21 -2.34 6.32
N ALA D 261 -25.62 -2.50 5.05
CA ALA D 261 -25.74 -1.38 4.12
C ALA D 261 -26.75 -0.36 4.67
N LYS D 262 -27.90 -0.84 5.22
CA LYS D 262 -28.91 0.05 5.81
C LYS D 262 -28.31 0.80 7.03
N GLU D 263 -27.57 0.09 7.89
CA GLU D 263 -26.93 0.71 9.07
C GLU D 263 -26.03 1.89 8.67
N ILE D 264 -25.19 1.69 7.64
CA ILE D 264 -24.22 2.70 7.26
C ILE D 264 -24.78 3.74 6.25
N GLY D 265 -26.02 3.54 5.79
CA GLY D 265 -26.65 4.48 4.85
C GLY D 265 -26.22 4.34 3.41
N ARG D 266 -25.76 3.14 3.01
CA ARG D 266 -25.43 2.89 1.61
C ARG D 266 -26.66 2.27 0.96
N PRO D 267 -27.29 2.95 0.00
CA PRO D 267 -28.52 2.39 -0.58
C PRO D 267 -28.27 1.17 -1.43
N LEU D 268 -29.23 0.24 -1.44
CA LEU D 268 -29.13 -0.92 -2.32
C LEU D 268 -29.61 -0.48 -3.69
N ALA D 269 -28.93 -0.92 -4.74
CA ALA D 269 -29.35 -0.62 -6.09
C ALA D 269 -30.73 -1.20 -6.36
N THR D 270 -31.57 -0.45 -7.04
CA THR D 270 -32.85 -0.96 -7.53
C THR D 270 -32.50 -1.88 -8.71
N PRO D 271 -33.41 -2.76 -9.18
CA PRO D 271 -33.09 -3.54 -10.40
C PRO D 271 -32.68 -2.64 -11.58
N GLU D 272 -33.36 -1.49 -11.75
CA GLU D 272 -33.07 -0.51 -12.82
C GLU D 272 -31.65 0.07 -12.65
N GLN D 273 -31.27 0.42 -11.42
CA GLN D 273 -29.93 0.97 -11.16
C GLN D 273 -28.86 -0.08 -11.40
N ALA D 274 -29.13 -1.34 -10.99
CA ALA D 274 -28.18 -2.43 -11.18
C ALA D 274 -27.92 -2.66 -12.68
N ARG D 275 -29.00 -2.63 -13.50
CA ARG D 275 -28.85 -2.79 -14.95
C ARG D 275 -28.09 -1.61 -15.57
N GLU D 276 -28.31 -0.37 -15.06
CA GLU D 276 -27.61 0.81 -15.56
C GLU D 276 -26.11 0.73 -15.25
N ILE D 277 -25.75 0.43 -13.98
CA ILE D 277 -24.36 0.33 -13.54
C ILE D 277 -23.61 -0.76 -14.33
N LEU D 278 -24.26 -1.90 -14.55
CA LEU D 278 -23.63 -3.04 -15.23
C LEU D 278 -23.80 -2.97 -16.75
N ALA D 279 -24.41 -1.86 -17.27
CA ALA D 279 -24.62 -1.59 -18.69
C ALA D 279 -25.40 -2.72 -19.39
N LEU D 280 -26.46 -3.20 -18.73
CA LEU D 280 -27.36 -4.26 -19.24
C LEU D 280 -28.62 -3.67 -19.85
N ASN D 281 -28.95 -2.43 -19.47
CA ASN D 281 -30.16 -1.74 -19.92
C ASN D 281 -29.98 -1.26 -21.37
#